data_9K0X
#
_entry.id   9K0X
#
_cell.length_a   1.00
_cell.length_b   1.00
_cell.length_c   1.00
_cell.angle_alpha   90.00
_cell.angle_beta   90.00
_cell.angle_gamma   90.00
#
_symmetry.space_group_name_H-M   'P 1'
#
loop_
_entity.id
_entity.type
_entity.pdbx_description
1 polymer 'Guanine nucleotide-binding protein G(s) subunit alpha isoforms short'
2 polymer 'Guanine nucleotide-binding protein G(I)/G(S)/G(T) subunit beta-1'
3 polymer 'Guanine nucleotide-binding protein G(I)/G(S)/G(O) subunit gamma-2'
4 polymer 'P2Y purinoceptor 2'
5 polymer 'Nanobody 35'
6 non-polymer "ADENOSINE-5'-TRIPHOSPHATE"
#
loop_
_entity_poly.entity_id
_entity_poly.type
_entity_poly.pdbx_seq_one_letter_code
_entity_poly.pdbx_strand_id
1 'polypeptide(L)'
;TLSAEDKAAVERSKMIEKQLQKDKQVYRATHRLLLLGADNSGKSTIVKQMRILHGGSGGSGGTSGIFETKFQVDKVNFHM
FDVGGQRDERRKWIQCFNDVTAIIFVVDSSDYNRLQEALNDFKSIWNNRWLRTISVILFLNKQDLLAEKVLAGKSKIEDY
FPEFARYTTPEDATPEPGEDPRVTRAKYFIRDEFLRISTASGDGRHYCYPHFTCAVDTENARRIFNDCKDIILQMNLREY
NLV
;
A
2 'polypeptide(L)'
;MHHHHHHLEVLFQGPGSSGSELDQLRQEAEQLKNQIRDARKACADATLSQITNNIDPVGRIQMRTRRTLRGHLAKIYAMH
WGTDSRLLVSASQDGKLIIWDSYTTNKVHAIPLRSSWVMTCAYAPSGNYVACGGLDNICSIYNLKTREGNVRVSRELAGH
TGYLSCCRFLDDNQIVTSSGDTTCALWDIETGQQTTTFTGHTGDVMSLSLAPDTRLFVSGACDASAKLWDVREGMCRQTF
TGHESDINAICFFPNGNAFATGSDDATCRLFDLRADQELMTYSHDNIICGITSVSFSKSGRLLLAGYDDFNCNVWDALKA
DRAGVLAGHDNRVSCLGVTDDGMAVATGSWDSFLKIWN
;
B
3 'polypeptide(L)' MASNNTASIAQARKLVEQLKMEANIDRIKVSKAAADLMAYCEAHAKEDPLLTPVPASENPFREKKFFCAIL G
4 'polypeptide(L)'
;MKTIIALSYIFCLVFADYKDDDDAMAADLGPWNDTINGTWDGDELGYRCRFNEDFKYVLLPVSYGVVCVLGLCLNAVALY
IFLCRLKTWNASTTYMFHLAVSDALYAASLPLLVYYYARGDHWPFSTVLCKLVRFLFYTNLYCSILFLTCISVHRCLGVL
RPLRSLRWGRARYARRVAGAVWVLVLACQAPVLYFVTTSARGGRVTCHDTSAPELFSRFVAYSSVMLGLLFAVPFAVILV
CYVLMARRLLKPAYGTSGGLPRAKRKSVRTIAVVLAVFALCFLPFHVTRTLYYSFRSLDLSCHTLNAINMAYKVTRPLAS
ANSCLNPVLYFLAGQSLVRFARDAKPPTGPSPATPARRRLGLRRSDRTDMQRIEDVLGSSEDSRRTESTPAGSENTKDIR
LHHHHHHGGSGGLEVLFQGP
;
I
5 'polypeptide(L)'
;QVQLQESGGGLVQPGGSLRLSCAASGFTFSNYKMNWVRQAPGKGLEWVSDISQSGASISYTGSVKGRFTISRDNAKNTLY
LQMNSLKPEDTAVYYCARCPAPFTPFCFDVTSTTYAYRGQGTQVTVSSHHHHHH
;
N
#
# COMPACT_ATOMS: atom_id res chain seq x y z
N LEU A 2 11.90 11.43 34.97
CA LEU A 2 13.26 11.93 34.79
C LEU A 2 14.25 11.11 35.61
N SER A 3 13.86 9.88 35.94
CA SER A 3 14.72 9.01 36.73
C SER A 3 15.91 8.53 35.90
N ALA A 4 16.90 7.98 36.61
CA ALA A 4 18.10 7.49 35.92
C ALA A 4 17.78 6.31 35.02
N GLU A 5 16.96 5.38 35.48
CA GLU A 5 16.57 4.24 34.66
C GLU A 5 15.74 4.70 33.46
N ASP A 6 14.83 5.65 33.66
CA ASP A 6 14.06 6.19 32.56
C ASP A 6 14.96 6.89 31.54
N LYS A 7 15.92 7.67 32.03
CA LYS A 7 16.83 8.37 31.11
C LYS A 7 17.68 7.39 30.33
N ALA A 8 18.13 6.30 30.97
CA ALA A 8 18.85 5.25 30.26
C ALA A 8 17.96 4.59 29.21
N ALA A 9 16.67 4.40 29.53
CA ALA A 9 15.75 3.82 28.57
C ALA A 9 15.59 4.71 27.34
N VAL A 10 15.42 6.02 27.53
CA VAL A 10 15.30 6.93 26.39
C VAL A 10 16.62 6.99 25.61
N GLU A 11 17.75 6.90 26.30
CA GLU A 11 19.03 6.90 25.59
C GLU A 11 19.18 5.65 24.72
N ARG A 12 18.79 4.49 25.26
CA ARG A 12 18.87 3.25 24.48
C ARG A 12 17.91 3.29 23.30
N SER A 13 16.71 3.86 23.50
CA SER A 13 15.77 4.03 22.40
C SER A 13 16.33 4.98 21.34
N LYS A 14 17.05 6.02 21.76
CA LYS A 14 17.66 6.94 20.81
C LYS A 14 18.74 6.25 19.99
N MET A 15 19.56 5.42 20.63
CA MET A 15 20.57 4.66 19.90
C MET A 15 19.92 3.70 18.91
N ILE A 16 18.84 3.03 19.33
CA ILE A 16 18.12 2.11 18.45
C ILE A 16 17.54 2.87 17.27
N GLU A 17 16.99 4.06 17.51
CA GLU A 17 16.43 4.86 16.41
C GLU A 17 17.52 5.36 15.47
N LYS A 18 18.70 5.66 15.99
CA LYS A 18 19.82 6.03 15.12
C LYS A 18 20.24 4.87 14.23
N GLN A 19 20.32 3.67 14.80
CA GLN A 19 20.60 2.49 13.99
C GLN A 19 19.50 2.24 12.97
N LEU A 20 18.26 2.50 13.35
CA LEU A 20 17.14 2.33 12.42
C LEU A 20 17.22 3.32 11.27
N GLN A 21 17.63 4.55 11.53
CA GLN A 21 17.85 5.51 10.44
C GLN A 21 18.99 5.07 9.54
N LYS A 22 20.07 4.56 10.12
CA LYS A 22 21.18 4.05 9.31
C LYS A 22 20.73 2.90 8.42
N ASP A 23 19.86 2.02 8.94
CA ASP A 23 19.34 0.92 8.14
C ASP A 23 18.35 1.42 7.08
N LYS A 24 17.59 2.47 7.40
CA LYS A 24 16.69 3.06 6.42
C LYS A 24 17.44 3.69 5.26
N GLN A 25 18.66 4.17 5.53
CA GLN A 25 19.48 4.72 4.46
C GLN A 25 19.79 3.67 3.39
N VAL A 26 20.07 2.44 3.81
CA VAL A 26 20.44 1.38 2.87
C VAL A 26 19.24 0.54 2.42
N TYR A 27 18.10 0.64 3.10
CA TYR A 27 16.93 -0.14 2.68
C TYR A 27 16.30 0.46 1.42
N ARG A 28 16.21 1.79 1.35
CA ARG A 28 15.62 2.44 0.20
C ARG A 28 16.55 2.48 -1.01
N ALA A 29 17.85 2.30 -0.80
CA ALA A 29 18.82 2.31 -1.89
C ALA A 29 18.95 0.97 -2.58
N THR A 30 18.23 -0.05 -2.14
CA THR A 30 18.23 -1.36 -2.78
C THR A 30 16.83 -1.67 -3.28
N HIS A 31 16.76 -2.53 -4.29
CA HIS A 31 15.52 -2.85 -4.97
C HIS A 31 15.24 -4.34 -4.85
N ARG A 32 14.00 -4.67 -4.50
CA ARG A 32 13.56 -6.05 -4.35
C ARG A 32 12.83 -6.49 -5.60
N LEU A 33 13.23 -7.65 -6.14
CA LEU A 33 12.64 -8.20 -7.36
C LEU A 33 12.08 -9.58 -7.05
N LEU A 34 10.85 -9.82 -7.50
CA LEU A 34 10.21 -11.12 -7.34
C LEU A 34 10.29 -11.90 -8.64
N LEU A 35 10.85 -13.10 -8.57
CA LEU A 35 11.04 -13.95 -9.74
C LEU A 35 9.89 -14.95 -9.81
N LEU A 36 9.18 -14.94 -10.93
CA LEU A 36 8.03 -15.82 -11.12
C LEU A 36 8.15 -16.55 -12.45
N GLY A 37 7.51 -17.69 -12.54
CA GLY A 37 7.50 -18.47 -13.75
C GLY A 37 7.14 -19.91 -13.48
N ALA A 38 7.04 -20.67 -14.56
CA ALA A 38 6.73 -22.09 -14.49
C ALA A 38 7.99 -22.90 -14.21
N ASP A 39 7.82 -24.21 -14.06
CA ASP A 39 8.95 -25.09 -13.75
C ASP A 39 9.95 -25.18 -14.90
N ASN A 40 9.46 -25.15 -16.15
CA ASN A 40 10.31 -25.25 -17.33
C ASN A 40 10.78 -23.89 -17.82
N SER A 41 10.48 -22.81 -17.09
CA SER A 41 10.77 -21.47 -17.59
C SER A 41 12.27 -21.19 -17.66
N GLY A 42 13.08 -21.93 -16.90
CA GLY A 42 14.50 -21.68 -16.85
C GLY A 42 14.88 -20.37 -16.18
N LYS A 43 14.16 -20.00 -15.12
CA LYS A 43 14.47 -18.74 -14.43
C LYS A 43 15.78 -18.83 -13.67
N SER A 44 16.16 -20.03 -13.23
CA SER A 44 17.43 -20.21 -12.53
C SER A 44 18.61 -19.95 -13.45
N THR A 45 18.43 -20.16 -14.75
CA THR A 45 19.49 -19.85 -15.72
C THR A 45 19.80 -18.36 -15.73
N ILE A 46 18.76 -17.52 -15.70
CA ILE A 46 18.97 -16.08 -15.62
C ILE A 46 19.56 -15.71 -14.26
N VAL A 47 19.23 -16.48 -13.22
CA VAL A 47 19.76 -16.21 -11.88
C VAL A 47 21.27 -16.41 -11.84
N LYS A 48 21.74 -17.54 -12.38
CA LYS A 48 23.15 -17.87 -12.29
C LYS A 48 24.00 -17.09 -13.28
N GLN A 49 23.39 -16.51 -14.32
CA GLN A 49 24.17 -15.79 -15.32
C GLN A 49 24.73 -14.48 -14.77
N MET A 50 23.90 -13.72 -14.05
CA MET A 50 24.31 -12.43 -13.52
C MET A 50 24.62 -12.47 -12.03
N ARG A 51 24.67 -13.65 -11.42
CA ARG A 51 25.02 -13.76 -10.00
C ARG A 51 26.53 -13.62 -9.80
N ILE A 66 13.51 -21.07 -0.69
CA ILE A 66 13.60 -19.68 -1.13
C ILE A 66 15.05 -19.28 -1.40
N PHE A 67 15.34 -18.97 -2.65
CA PHE A 67 16.68 -18.62 -3.09
C PHE A 67 16.78 -17.10 -3.27
N GLU A 68 17.75 -16.50 -2.59
CA GLU A 68 17.97 -15.06 -2.63
C GLU A 68 19.21 -14.78 -3.47
N THR A 69 19.06 -13.90 -4.48
CA THR A 69 20.13 -13.58 -5.40
C THR A 69 20.40 -12.08 -5.34
N LYS A 70 21.62 -11.71 -4.96
CA LYS A 70 22.01 -10.32 -4.82
C LYS A 70 23.07 -9.98 -5.85
N PHE A 71 22.81 -8.93 -6.63
CA PHE A 71 23.77 -8.44 -7.62
C PHE A 71 23.68 -6.92 -7.67
N GLN A 72 24.76 -6.30 -8.12
CA GLN A 72 24.87 -4.85 -8.15
C GLN A 72 25.22 -4.38 -9.55
N VAL A 73 24.45 -3.41 -10.06
CA VAL A 73 24.68 -2.80 -11.37
C VAL A 73 24.71 -1.29 -11.19
N ASP A 74 25.77 -0.65 -11.73
CA ASP A 74 25.97 0.80 -11.61
C ASP A 74 25.97 1.24 -10.15
N LYS A 75 26.59 0.43 -9.29
CA LYS A 75 26.66 0.62 -7.84
C LYS A 75 25.30 0.59 -7.17
N VAL A 76 24.24 0.24 -7.89
CA VAL A 76 22.91 0.07 -7.33
C VAL A 76 22.70 -1.41 -7.04
N ASN A 77 22.23 -1.71 -5.83
CA ASN A 77 22.11 -3.09 -5.39
C ASN A 77 20.71 -3.61 -5.68
N PHE A 78 20.63 -4.75 -6.37
CA PHE A 78 19.40 -5.45 -6.63
C PHE A 78 19.40 -6.77 -5.87
N HIS A 79 18.22 -7.19 -5.42
CA HIS A 79 18.10 -8.41 -4.62
C HIS A 79 16.86 -9.16 -5.09
N MET A 80 17.07 -10.31 -5.75
CA MET A 80 16.00 -11.07 -6.35
C MET A 80 15.64 -12.28 -5.49
N PHE A 81 14.34 -12.59 -5.44
CA PHE A 81 13.81 -13.65 -4.60
C PHE A 81 13.10 -14.68 -5.48
N ASP A 82 13.54 -15.92 -5.41
CA ASP A 82 12.93 -17.04 -6.12
C ASP A 82 12.39 -18.00 -5.07
N VAL A 83 11.17 -17.74 -4.61
CA VAL A 83 10.55 -18.57 -3.58
C VAL A 83 9.92 -19.79 -4.24
N GLY A 84 10.38 -20.98 -3.85
CA GLY A 84 9.89 -22.20 -4.42
C GLY A 84 9.73 -23.32 -3.41
N GLY A 85 9.75 -22.97 -2.13
CA GLY A 85 9.59 -23.96 -1.08
C GLY A 85 8.16 -24.10 -0.61
N GLN A 86 7.22 -23.64 -1.44
CA GLN A 86 5.81 -23.59 -1.10
C GLN A 86 5.01 -24.57 -1.97
N ARG A 87 3.72 -24.63 -1.70
CA ARG A 87 2.78 -25.40 -2.49
C ARG A 87 2.37 -24.59 -3.72
N ASP A 88 1.45 -25.16 -4.51
CA ASP A 88 1.00 -24.54 -5.75
C ASP A 88 -0.20 -23.63 -5.53
N GLU A 89 -0.53 -23.32 -4.28
CA GLU A 89 -1.61 -22.40 -3.95
C GLU A 89 -0.97 -21.13 -3.40
N ARG A 90 -0.91 -20.08 -4.23
CA ARG A 90 -0.13 -18.89 -3.91
C ARG A 90 -0.99 -17.63 -3.84
N ARG A 91 -2.30 -17.77 -3.63
CA ARG A 91 -3.15 -16.58 -3.51
C ARG A 91 -2.97 -15.87 -2.18
N LYS A 92 -2.28 -16.47 -1.23
CA LYS A 92 -2.13 -15.92 0.12
C LYS A 92 -0.74 -15.40 0.41
N TRP A 93 0.31 -16.14 0.05
CA TRP A 93 1.65 -15.68 0.35
C TRP A 93 2.20 -14.72 -0.70
N ILE A 94 1.51 -14.55 -1.83
CA ILE A 94 1.98 -13.59 -2.82
C ILE A 94 1.72 -12.15 -2.41
N GLN A 95 0.94 -11.93 -1.36
CA GLN A 95 0.72 -10.58 -0.85
C GLN A 95 1.96 -10.02 -0.18
N CYS A 96 2.93 -10.87 0.15
CA CYS A 96 4.20 -10.39 0.72
C CYS A 96 4.98 -9.55 -0.26
N PHE A 97 4.89 -9.85 -1.56
CA PHE A 97 5.61 -9.11 -2.59
C PHE A 97 4.69 -8.02 -3.13
N ASN A 98 4.44 -7.03 -2.28
CA ASN A 98 3.59 -5.90 -2.60
C ASN A 98 4.35 -4.61 -2.84
N ASP A 99 5.49 -4.42 -2.19
CA ASP A 99 6.30 -3.23 -2.35
C ASP A 99 7.58 -3.51 -3.14
N VAL A 100 7.60 -4.60 -3.90
CA VAL A 100 8.73 -4.88 -4.77
C VAL A 100 8.79 -3.85 -5.89
N THR A 101 10.00 -3.54 -6.35
CA THR A 101 10.15 -2.60 -7.45
C THR A 101 9.53 -3.16 -8.73
N ALA A 102 9.72 -4.45 -8.99
CA ALA A 102 9.17 -5.06 -10.18
C ALA A 102 9.00 -6.56 -9.92
N ILE A 103 8.12 -7.16 -10.72
CA ILE A 103 7.93 -8.61 -10.74
C ILE A 103 8.53 -9.10 -12.05
N ILE A 104 9.36 -10.13 -11.97
CA ILE A 104 9.99 -10.71 -13.15
C ILE A 104 9.20 -11.96 -13.51
N PHE A 105 8.70 -12.01 -14.74
CA PHE A 105 8.00 -13.17 -15.26
C PHE A 105 8.85 -13.81 -16.34
N VAL A 106 9.06 -15.12 -16.22
CA VAL A 106 9.86 -15.89 -17.17
C VAL A 106 8.94 -16.90 -17.84
N VAL A 107 8.93 -16.91 -19.17
CA VAL A 107 7.96 -17.67 -19.95
C VAL A 107 8.72 -18.62 -20.87
N ASP A 108 8.30 -19.88 -20.89
CA ASP A 108 8.80 -20.86 -21.86
C ASP A 108 8.06 -20.67 -23.17
N SER A 109 8.59 -19.75 -23.99
CA SER A 109 7.95 -19.43 -25.26
C SER A 109 8.05 -20.56 -26.28
N SER A 110 8.95 -21.52 -26.07
CA SER A 110 9.15 -22.61 -27.01
C SER A 110 8.29 -23.82 -26.73
N ASP A 111 7.56 -23.87 -25.62
CA ASP A 111 6.71 -24.99 -25.28
C ASP A 111 5.26 -24.54 -25.38
N TYR A 112 4.70 -24.64 -26.61
CA TYR A 112 3.39 -24.08 -26.90
C TYR A 112 2.27 -24.76 -26.12
N ASN A 113 2.53 -25.93 -25.51
CA ASN A 113 1.51 -26.63 -24.76
C ASN A 113 1.08 -25.85 -23.53
N ARG A 114 2.00 -25.13 -22.90
CA ARG A 114 1.75 -24.46 -21.63
C ARG A 114 1.62 -22.95 -21.75
N LEU A 115 1.61 -22.39 -22.97
CA LEU A 115 1.43 -20.95 -23.10
C LEU A 115 0.07 -20.47 -22.61
N GLN A 116 -0.95 -21.33 -22.67
CA GLN A 116 -2.25 -20.92 -22.15
C GLN A 116 -2.21 -20.75 -20.64
N GLU A 117 -1.58 -21.68 -19.92
CA GLU A 117 -1.47 -21.54 -18.48
C GLU A 117 -0.57 -20.38 -18.09
N ALA A 118 0.51 -20.15 -18.86
CA ALA A 118 1.37 -19.00 -18.60
C ALA A 118 0.62 -17.68 -18.83
N LEU A 119 -0.17 -17.63 -19.89
CA LEU A 119 -0.98 -16.44 -20.17
C LEU A 119 -1.99 -16.20 -19.07
N ASN A 120 -2.65 -17.25 -18.60
CA ASN A 120 -3.61 -17.09 -17.51
C ASN A 120 -2.94 -16.71 -16.22
N ASP A 121 -1.72 -17.20 -15.98
CA ASP A 121 -0.96 -16.81 -14.80
C ASP A 121 -0.62 -15.33 -14.83
N PHE A 122 -0.13 -14.85 -15.98
CA PHE A 122 0.18 -13.43 -16.12
C PHE A 122 -1.09 -12.59 -16.03
N LYS A 123 -2.20 -13.10 -16.53
CA LYS A 123 -3.48 -12.39 -16.44
C LYS A 123 -3.96 -12.27 -14.99
N SER A 124 -3.79 -13.34 -14.20
CA SER A 124 -4.18 -13.29 -12.79
C SER A 124 -3.24 -12.41 -11.98
N ILE A 125 -1.95 -12.37 -12.33
CA ILE A 125 -1.02 -11.44 -11.70
C ILE A 125 -1.41 -10.00 -12.03
N TRP A 126 -1.78 -9.75 -13.29
CA TRP A 126 -2.06 -8.40 -13.74
C TRP A 126 -3.27 -7.80 -13.02
N ASN A 127 -4.31 -8.59 -12.82
CA ASN A 127 -5.59 -8.10 -12.32
C ASN A 127 -5.77 -8.30 -10.81
N ASN A 128 -4.75 -8.77 -10.12
CA ASN A 128 -4.84 -8.89 -8.67
C ASN A 128 -4.85 -7.50 -8.04
N ARG A 129 -5.65 -7.36 -6.98
CA ARG A 129 -5.79 -6.06 -6.32
C ARG A 129 -4.53 -5.68 -5.56
N TRP A 130 -3.78 -6.68 -5.08
CA TRP A 130 -2.57 -6.43 -4.32
C TRP A 130 -1.33 -6.30 -5.19
N LEU A 131 -1.45 -6.54 -6.49
CA LEU A 131 -0.34 -6.43 -7.42
C LEU A 131 -0.65 -5.49 -8.58
N ARG A 132 -1.72 -4.70 -8.48
CA ARG A 132 -2.14 -3.85 -9.59
C ARG A 132 -1.27 -2.62 -9.77
N THR A 133 -0.47 -2.25 -8.78
CA THR A 133 0.42 -1.10 -8.87
C THR A 133 1.87 -1.50 -9.11
N ILE A 134 2.16 -2.79 -9.20
CA ILE A 134 3.53 -3.28 -9.37
C ILE A 134 3.75 -3.59 -10.84
N SER A 135 4.79 -3.00 -11.42
CA SER A 135 5.12 -3.26 -12.80
C SER A 135 5.76 -4.64 -12.94
N VAL A 136 5.63 -5.20 -14.14
CA VAL A 136 6.11 -6.55 -14.43
C VAL A 136 7.11 -6.47 -15.58
N ILE A 137 8.29 -7.02 -15.36
CA ILE A 137 9.27 -7.22 -16.43
C ILE A 137 9.08 -8.61 -16.99
N LEU A 138 8.94 -8.71 -18.31
CA LEU A 138 8.65 -9.97 -18.97
C LEU A 138 9.89 -10.46 -19.70
N PHE A 139 10.24 -11.72 -19.47
CA PHE A 139 11.34 -12.38 -20.17
C PHE A 139 10.78 -13.60 -20.86
N LEU A 140 10.78 -13.59 -22.20
CA LEU A 140 10.47 -14.77 -22.99
C LEU A 140 11.78 -15.54 -23.15
N ASN A 141 11.98 -16.52 -22.26
CA ASN A 141 13.32 -17.04 -22.03
C ASN A 141 13.80 -17.94 -23.17
N LYS A 142 13.10 -19.05 -23.38
CA LYS A 142 13.59 -20.06 -24.32
C LYS A 142 13.29 -19.59 -25.74
N GLN A 143 14.20 -18.76 -26.26
CA GLN A 143 14.06 -18.24 -27.62
C GLN A 143 14.93 -18.98 -28.62
N ASP A 144 16.04 -19.57 -28.18
CA ASP A 144 16.83 -20.40 -29.07
C ASP A 144 16.07 -21.65 -29.48
N LEU A 145 15.32 -22.26 -28.54
CA LEU A 145 14.51 -23.43 -28.89
C LEU A 145 13.32 -23.04 -29.74
N LEU A 146 12.78 -21.84 -29.52
CA LEU A 146 11.66 -21.37 -30.33
C LEU A 146 12.05 -21.18 -31.79
N ALA A 147 13.25 -20.65 -32.04
CA ALA A 147 13.70 -20.39 -33.40
C ALA A 147 13.80 -21.68 -34.21
N GLU A 148 14.37 -22.73 -33.61
CA GLU A 148 14.54 -23.98 -34.34
C GLU A 148 13.21 -24.72 -34.49
N LYS A 149 12.33 -24.60 -33.49
CA LYS A 149 11.05 -25.32 -33.51
C LYS A 149 10.14 -24.85 -34.62
N VAL A 150 10.07 -23.54 -34.84
CA VAL A 150 9.22 -22.99 -35.89
C VAL A 150 10.05 -22.44 -37.03
N TYR A 160 -3.40 -24.95 -31.66
CA TYR A 160 -3.22 -24.31 -30.36
C TYR A 160 -3.88 -22.92 -30.36
N PHE A 161 -3.10 -21.91 -30.71
CA PHE A 161 -3.62 -20.56 -30.84
C PHE A 161 -4.05 -20.32 -32.28
N PRO A 162 -5.32 -20.00 -32.54
CA PRO A 162 -5.80 -19.85 -33.92
C PRO A 162 -5.58 -18.47 -34.51
N GLU A 163 -5.05 -17.51 -33.75
CA GLU A 163 -4.87 -16.16 -34.24
C GLU A 163 -3.59 -15.97 -35.05
N PHE A 164 -2.73 -17.00 -35.15
CA PHE A 164 -1.50 -16.88 -35.91
C PHE A 164 -1.75 -16.85 -37.41
N ALA A 165 -2.94 -17.24 -37.87
CA ALA A 165 -3.24 -17.20 -39.29
C ALA A 165 -3.45 -15.76 -39.75
N ARG A 166 -4.22 -14.99 -39.01
CA ARG A 166 -4.55 -13.61 -39.38
C ARG A 166 -3.61 -12.57 -38.79
N TYR A 167 -2.62 -13.00 -38.01
CA TYR A 167 -1.72 -12.06 -37.34
C TYR A 167 -0.73 -11.48 -38.35
N THR A 168 -0.44 -10.19 -38.20
CA THR A 168 0.48 -9.48 -39.07
C THR A 168 1.54 -8.78 -38.21
N THR A 169 2.79 -8.86 -38.65
CA THR A 169 3.90 -8.27 -37.91
C THR A 169 3.73 -6.76 -37.80
N PRO A 170 3.83 -6.18 -36.59
CA PRO A 170 3.74 -4.73 -36.40
C PRO A 170 4.90 -3.97 -37.06
N PRO A 181 12.09 -13.85 -40.78
CA PRO A 181 11.25 -14.96 -41.24
C PRO A 181 10.05 -15.20 -40.33
N ARG A 182 9.59 -16.45 -40.26
CA ARG A 182 8.42 -16.78 -39.44
C ARG A 182 8.72 -16.79 -37.96
N VAL A 183 9.99 -16.94 -37.58
CA VAL A 183 10.33 -16.92 -36.15
C VAL A 183 10.06 -15.56 -35.55
N THR A 184 10.26 -14.50 -36.34
CA THR A 184 9.91 -13.15 -35.89
C THR A 184 8.41 -13.03 -35.67
N ARG A 185 7.61 -13.58 -36.58
CA ARG A 185 6.17 -13.56 -36.42
C ARG A 185 5.74 -14.30 -35.16
N ALA A 186 6.35 -15.46 -34.90
CA ALA A 186 5.97 -16.23 -33.72
C ALA A 186 6.35 -15.51 -32.42
N LYS A 187 7.59 -15.02 -32.35
CA LYS A 187 8.05 -14.36 -31.13
C LYS A 187 7.23 -13.10 -30.85
N TYR A 188 6.96 -12.29 -31.89
CA TYR A 188 6.18 -11.09 -31.67
C TYR A 188 4.70 -11.40 -31.47
N PHE A 189 4.22 -12.55 -31.94
CA PHE A 189 2.83 -12.93 -31.69
C PHE A 189 2.63 -13.33 -30.22
N ILE A 190 3.56 -14.09 -29.66
CA ILE A 190 3.48 -14.41 -28.24
C ILE A 190 3.61 -13.14 -27.40
N ARG A 191 4.57 -12.28 -27.76
CA ARG A 191 4.72 -11.01 -27.06
C ARG A 191 3.46 -10.16 -27.18
N ASP A 192 2.78 -10.22 -28.32
CA ASP A 192 1.56 -9.45 -28.52
C ASP A 192 0.40 -10.01 -27.71
N GLU A 193 0.34 -11.33 -27.52
CA GLU A 193 -0.67 -11.91 -26.64
C GLU A 193 -0.47 -11.42 -25.20
N PHE A 194 0.79 -11.46 -24.74
CA PHE A 194 1.09 -10.96 -23.40
C PHE A 194 0.76 -9.47 -23.28
N LEU A 195 1.09 -8.69 -24.31
CA LEU A 195 0.83 -7.26 -24.26
C LEU A 195 -0.65 -6.92 -24.40
N ARG A 196 -1.41 -7.75 -25.10
CA ARG A 196 -2.86 -7.56 -25.16
C ARG A 196 -3.50 -7.79 -23.79
N ILE A 197 -3.08 -8.85 -23.10
CA ILE A 197 -3.56 -9.06 -21.74
C ILE A 197 -3.13 -7.91 -20.84
N SER A 198 -1.90 -7.42 -21.03
CA SER A 198 -1.37 -6.35 -20.18
C SER A 198 -2.13 -5.05 -20.38
N THR A 199 -2.37 -4.65 -21.62
CA THR A 199 -3.02 -3.39 -21.92
C THR A 199 -4.54 -3.48 -21.88
N ALA A 200 -5.10 -4.68 -21.69
CA ALA A 200 -6.55 -4.79 -21.58
C ALA A 200 -7.08 -4.13 -20.32
N SER A 201 -6.31 -4.16 -19.22
CA SER A 201 -6.81 -3.66 -17.95
C SER A 201 -5.85 -2.79 -17.16
N GLY A 202 -4.56 -2.74 -17.49
CA GLY A 202 -3.62 -1.99 -16.68
C GLY A 202 -3.24 -0.65 -17.26
N ASP A 203 -3.80 0.43 -16.71
CA ASP A 203 -3.59 1.77 -17.23
C ASP A 203 -3.20 2.71 -16.10
N GLY A 204 -2.02 3.32 -16.22
CA GLY A 204 -1.63 4.42 -15.36
C GLY A 204 -1.17 4.07 -13.97
N ARG A 205 -1.05 2.78 -13.63
CA ARG A 205 -0.60 2.42 -12.29
C ARG A 205 0.59 1.47 -12.36
N HIS A 206 0.64 0.62 -13.37
CA HIS A 206 1.76 -0.29 -13.54
C HIS A 206 1.89 -0.63 -15.01
N TYR A 207 3.07 -1.08 -15.40
CA TYR A 207 3.43 -1.25 -16.80
C TYR A 207 4.07 -2.61 -17.01
N CYS A 208 4.09 -3.05 -18.27
CA CYS A 208 4.69 -4.30 -18.68
C CYS A 208 5.89 -4.02 -19.56
N TYR A 209 6.96 -4.77 -19.33
CA TYR A 209 8.21 -4.60 -20.06
C TYR A 209 8.63 -5.92 -20.68
N PRO A 210 8.26 -6.20 -21.93
CA PRO A 210 8.66 -7.46 -22.56
C PRO A 210 10.08 -7.39 -23.14
N HIS A 211 10.91 -8.33 -22.73
CA HIS A 211 12.25 -8.52 -23.25
C HIS A 211 12.39 -9.93 -23.81
N PHE A 212 13.18 -10.06 -24.87
CA PHE A 212 13.37 -11.35 -25.55
C PHE A 212 14.69 -11.94 -25.05
N THR A 213 14.60 -12.79 -24.04
CA THR A 213 15.76 -13.38 -23.39
C THR A 213 16.23 -14.59 -24.18
N CYS A 214 17.52 -14.87 -24.13
CA CYS A 214 18.10 -16.09 -24.67
C CYS A 214 18.66 -16.95 -23.53
N ALA A 215 19.15 -18.13 -23.89
CA ALA A 215 19.65 -19.04 -22.88
C ALA A 215 21.01 -18.62 -22.33
N VAL A 216 21.84 -17.99 -23.15
CA VAL A 216 23.19 -17.63 -22.75
C VAL A 216 23.37 -16.11 -22.76
N ASP A 217 22.29 -15.38 -22.49
CA ASP A 217 22.37 -13.93 -22.39
C ASP A 217 23.17 -13.54 -21.15
N THR A 218 24.06 -12.56 -21.30
CA THR A 218 24.87 -12.04 -20.21
C THR A 218 24.57 -10.57 -19.92
N GLU A 219 23.38 -10.10 -20.29
CA GLU A 219 23.06 -8.68 -20.19
C GLU A 219 21.69 -8.43 -19.56
N ASN A 220 21.11 -9.42 -18.88
CA ASN A 220 19.82 -9.21 -18.25
C ASN A 220 19.92 -8.33 -17.01
N ALA A 221 21.11 -8.22 -16.44
CA ALA A 221 21.32 -7.26 -15.34
C ALA A 221 21.09 -5.83 -15.81
N ARG A 222 21.60 -5.50 -17.00
CA ARG A 222 21.37 -4.18 -17.57
C ARG A 222 19.90 -3.96 -17.86
N ARG A 223 19.20 -4.99 -18.34
CA ARG A 223 17.78 -4.88 -18.60
C ARG A 223 17.00 -4.60 -17.32
N ILE A 224 17.27 -5.36 -16.27
CA ILE A 224 16.58 -5.16 -14.99
C ILE A 224 16.89 -3.77 -14.45
N PHE A 225 18.15 -3.34 -14.56
CA PHE A 225 18.53 -2.01 -14.08
C PHE A 225 17.74 -0.92 -14.82
N ASN A 226 17.74 -0.97 -16.15
CA ASN A 226 17.09 0.08 -16.93
C ASN A 226 15.59 0.09 -16.71
N ASP A 227 14.97 -1.09 -16.57
CA ASP A 227 13.52 -1.12 -16.40
C ASP A 227 13.09 -0.73 -14.99
N CYS A 228 13.88 -1.08 -13.97
CA CYS A 228 13.63 -0.54 -12.64
C CYS A 228 13.84 0.97 -12.61
N LYS A 229 14.81 1.46 -13.39
CA LYS A 229 15.03 2.90 -13.50
C LYS A 229 13.81 3.60 -14.10
N ASP A 230 13.24 3.01 -15.14
CA ASP A 230 12.01 3.55 -15.72
C ASP A 230 10.86 3.51 -14.73
N ILE A 231 10.76 2.42 -13.96
CA ILE A 231 9.67 2.28 -12.98
C ILE A 231 9.76 3.37 -11.92
N ILE A 232 10.96 3.58 -11.38
CA ILE A 232 11.14 4.61 -10.36
C ILE A 232 10.96 6.01 -10.94
N LEU A 233 11.34 6.21 -12.22
CA LEU A 233 11.04 7.48 -12.87
C LEU A 233 9.54 7.72 -12.96
N GLN A 234 8.77 6.67 -13.26
CA GLN A 234 7.31 6.83 -13.32
C GLN A 234 6.73 7.18 -11.96
N MET A 235 7.18 6.49 -10.89
CA MET A 235 6.71 6.87 -9.56
C MET A 235 7.14 8.29 -9.21
N ASN A 236 8.34 8.70 -9.61
CA ASN A 236 8.82 10.06 -9.37
C ASN A 236 7.91 11.08 -10.04
N LEU A 237 7.58 10.85 -11.31
CA LEU A 237 6.69 11.76 -12.02
C LEU A 237 5.31 11.79 -11.36
N ARG A 238 4.87 10.66 -10.80
CA ARG A 238 3.60 10.67 -10.07
C ARG A 238 3.67 11.53 -8.81
N GLU A 239 4.75 11.42 -8.03
CA GLU A 239 4.81 12.18 -6.80
C GLU A 239 5.25 13.63 -7.01
N TYR A 240 5.77 13.97 -8.18
CA TYR A 240 6.17 15.34 -8.49
C TYR A 240 5.01 16.16 -9.02
N ASN A 241 3.79 15.64 -8.94
CA ASN A 241 2.55 16.27 -9.40
C ASN A 241 2.55 16.55 -10.90
N LEU A 242 3.52 16.03 -11.64
CA LEU A 242 3.56 16.18 -13.09
C LEU A 242 2.66 15.19 -13.80
N VAL A 243 2.16 14.19 -13.10
CA VAL A 243 1.26 13.20 -13.68
C VAL A 243 0.00 13.10 -12.85
N LEU B 32 -22.36 -38.90 5.19
CA LEU B 32 -23.20 -38.78 6.39
C LEU B 32 -23.24 -37.34 6.90
N LYS B 33 -22.85 -36.40 6.03
CA LYS B 33 -22.91 -34.99 6.40
C LYS B 33 -24.35 -34.51 6.53
N ASN B 34 -25.29 -35.15 5.82
CA ASN B 34 -26.69 -34.79 5.96
C ASN B 34 -27.20 -35.13 7.36
N GLN B 35 -26.74 -36.24 7.94
CA GLN B 35 -27.10 -36.57 9.31
C GLN B 35 -26.57 -35.53 10.29
N ILE B 36 -25.34 -35.06 10.07
CA ILE B 36 -24.77 -34.02 10.92
C ILE B 36 -25.56 -32.72 10.79
N ARG B 37 -25.95 -32.37 9.56
CA ARG B 37 -26.74 -31.16 9.36
C ARG B 37 -28.10 -31.28 10.04
N ASP B 38 -28.73 -32.45 9.95
CA ASP B 38 -30.02 -32.66 10.63
C ASP B 38 -29.88 -32.58 12.14
N ALA B 39 -28.79 -33.15 12.68
CA ALA B 39 -28.57 -33.09 14.12
C ALA B 39 -28.30 -31.66 14.58
N ARG B 40 -27.58 -30.87 13.78
CA ARG B 40 -27.36 -29.47 14.11
C ARG B 40 -28.65 -28.67 14.02
N LYS B 41 -29.51 -29.01 13.06
CA LYS B 41 -30.80 -28.32 12.92
C LYS B 41 -31.74 -28.67 14.08
N ALA B 42 -31.69 -29.91 14.57
CA ALA B 42 -32.59 -30.34 15.62
C ALA B 42 -32.34 -29.58 16.92
N CYS B 43 -31.09 -29.28 17.22
CA CYS B 43 -30.75 -28.53 18.42
C CYS B 43 -30.90 -27.03 18.25
N ALA B 44 -31.29 -26.56 17.06
CA ALA B 44 -31.49 -25.14 16.80
C ALA B 44 -32.94 -24.80 17.10
N ASP B 45 -33.17 -24.11 18.23
CA ASP B 45 -34.51 -23.70 18.62
C ASP B 45 -34.64 -22.23 18.95
N ALA B 46 -33.55 -21.53 19.25
CA ALA B 46 -33.59 -20.11 19.57
C ALA B 46 -32.40 -19.43 18.91
N THR B 47 -32.67 -18.63 17.89
CA THR B 47 -31.61 -17.88 17.22
C THR B 47 -31.05 -16.81 18.16
N LEU B 48 -29.76 -16.50 17.98
CA LEU B 48 -29.13 -15.48 18.81
C LEU B 48 -29.76 -14.11 18.59
N SER B 49 -30.26 -13.84 17.37
CA SER B 49 -30.95 -12.59 17.12
C SER B 49 -32.29 -12.50 17.84
N GLN B 50 -32.88 -13.63 18.20
CA GLN B 50 -34.16 -13.65 18.91
C GLN B 50 -33.98 -13.70 20.43
N ILE B 51 -33.08 -14.56 20.91
CA ILE B 51 -32.89 -14.70 22.35
C ILE B 51 -32.18 -13.49 22.95
N THR B 52 -31.54 -12.66 22.13
CA THR B 52 -30.87 -11.46 22.60
C THR B 52 -31.53 -10.19 22.04
N ASN B 53 -32.81 -10.28 21.68
CA ASN B 53 -33.52 -9.13 21.12
C ASN B 53 -33.99 -8.14 22.18
N ASN B 54 -33.98 -8.53 23.45
CA ASN B 54 -34.42 -7.67 24.55
C ASN B 54 -33.26 -7.32 25.46
N ILE B 55 -32.09 -7.09 24.88
CA ILE B 55 -30.88 -6.73 25.62
C ILE B 55 -30.53 -5.29 25.27
N ASP B 56 -30.14 -4.54 26.29
CA ASP B 56 -29.83 -3.12 26.11
C ASP B 56 -28.61 -2.96 25.20
N PRO B 57 -28.73 -2.25 24.08
CA PRO B 57 -27.56 -2.07 23.20
C PRO B 57 -26.50 -1.22 23.87
N VAL B 58 -25.24 -1.52 23.55
CA VAL B 58 -24.16 -0.67 24.01
C VAL B 58 -24.18 0.65 23.26
N GLY B 59 -23.55 1.66 23.86
CA GLY B 59 -23.45 2.95 23.22
C GLY B 59 -22.52 2.91 22.02
N ARG B 60 -22.56 4.00 21.26
CA ARG B 60 -21.67 4.15 20.11
C ARG B 60 -20.24 4.23 20.62
N ILE B 61 -19.47 3.17 20.40
CA ILE B 61 -18.10 3.09 20.92
C ILE B 61 -17.23 4.07 20.13
N GLN B 62 -16.71 5.08 20.81
CA GLN B 62 -15.82 6.07 20.21
C GLN B 62 -14.47 5.97 20.89
N MET B 63 -13.50 5.42 20.19
CA MET B 63 -12.15 5.24 20.70
C MET B 63 -11.19 6.12 19.91
N ARG B 64 -10.20 6.69 20.61
CA ARG B 64 -9.24 7.58 20.00
C ARG B 64 -7.84 7.02 20.15
N THR B 65 -6.98 7.33 19.19
CA THR B 65 -5.60 6.91 19.24
C THR B 65 -4.89 7.60 20.41
N ARG B 66 -4.13 6.81 21.18
CA ARG B 66 -3.36 7.33 22.30
C ARG B 66 -1.87 7.43 21.98
N ARG B 67 -1.30 6.39 21.40
CA ARG B 67 0.08 6.38 20.97
C ARG B 67 0.14 5.97 19.51
N THR B 68 1.06 6.59 18.76
CA THR B 68 1.38 6.15 17.41
C THR B 68 2.83 5.74 17.39
N LEU B 69 3.07 4.48 17.01
CA LEU B 69 4.41 3.89 17.03
C LEU B 69 5.02 4.08 15.65
N ARG B 70 6.11 4.83 15.57
CA ARG B 70 6.62 5.38 14.32
C ARG B 70 8.07 5.02 14.07
N GLY B 71 8.44 3.75 14.22
CA GLY B 71 9.82 3.38 14.03
C GLY B 71 10.10 2.34 12.96
N HIS B 72 9.06 1.74 12.40
CA HIS B 72 9.25 0.71 11.39
C HIS B 72 9.35 1.33 9.99
N LEU B 73 10.11 0.66 9.13
CA LEU B 73 10.39 1.22 7.80
C LEU B 73 9.29 0.92 6.81
N ALA B 74 8.77 -0.31 6.82
CA ALA B 74 7.77 -0.73 5.85
C ALA B 74 6.51 -1.21 6.56
N LYS B 75 5.63 -1.89 5.82
CA LYS B 75 4.31 -2.25 6.33
C LYS B 75 4.43 -3.25 7.48
N ILE B 76 3.59 -3.05 8.50
CA ILE B 76 3.51 -3.99 9.61
C ILE B 76 2.76 -5.23 9.15
N TYR B 77 3.32 -6.40 9.46
CA TYR B 77 2.70 -7.66 9.10
C TYR B 77 2.02 -8.36 10.27
N ALA B 78 2.57 -8.21 11.48
CA ALA B 78 2.02 -8.91 12.64
C ALA B 78 2.38 -8.13 13.89
N MET B 79 1.69 -8.46 14.98
CA MET B 79 2.00 -7.91 16.29
C MET B 79 1.50 -8.87 17.35
N HIS B 80 2.08 -8.77 18.53
CA HIS B 80 1.64 -9.54 19.68
C HIS B 80 1.87 -8.72 20.94
N TRP B 81 1.07 -9.02 21.96
CA TRP B 81 1.11 -8.30 23.22
C TRP B 81 1.80 -9.14 24.28
N GLY B 82 2.64 -8.50 25.09
CA GLY B 82 3.20 -9.18 26.24
C GLY B 82 2.16 -9.40 27.32
N THR B 83 2.40 -10.44 28.12
CA THR B 83 1.51 -10.74 29.24
C THR B 83 1.51 -9.60 30.25
N ASP B 84 2.63 -8.90 30.40
CA ASP B 84 2.74 -7.77 31.31
C ASP B 84 1.93 -6.55 30.87
N SER B 85 1.29 -6.62 29.70
CA SER B 85 0.35 -5.62 29.21
C SER B 85 1.00 -4.27 28.94
N ARG B 86 2.32 -4.23 28.77
CA ARG B 86 3.01 -2.97 28.52
C ARG B 86 3.88 -3.07 27.28
N LEU B 87 4.51 -4.23 27.08
CA LEU B 87 5.44 -4.43 25.97
C LEU B 87 4.77 -5.23 24.87
N LEU B 88 5.03 -4.84 23.63
CA LEU B 88 4.50 -5.51 22.46
C LEU B 88 5.60 -5.67 21.43
N VAL B 89 5.53 -6.77 20.68
CA VAL B 89 6.46 -7.04 19.60
C VAL B 89 5.71 -6.87 18.28
N SER B 90 6.43 -6.49 17.24
CA SER B 90 5.84 -6.30 15.93
C SER B 90 6.83 -6.72 14.86
N ALA B 91 6.30 -7.09 13.69
CA ALA B 91 7.10 -7.49 12.56
C ALA B 91 6.76 -6.63 11.36
N SER B 92 7.73 -6.43 10.48
CA SER B 92 7.56 -5.55 9.33
C SER B 92 8.22 -6.16 8.10
N GLN B 93 7.88 -5.58 6.94
CA GLN B 93 8.42 -6.03 5.66
C GLN B 93 9.92 -5.81 5.53
N ASP B 94 10.49 -4.90 6.31
CA ASP B 94 11.92 -4.60 6.26
C ASP B 94 12.78 -5.59 7.04
N GLY B 95 12.21 -6.70 7.50
CA GLY B 95 12.97 -7.69 8.23
C GLY B 95 13.45 -7.23 9.58
N LYS B 96 12.63 -6.49 10.31
CA LYS B 96 12.97 -6.01 11.64
C LYS B 96 11.91 -6.45 12.63
N LEU B 97 12.34 -6.76 13.84
CA LEU B 97 11.47 -7.23 14.92
C LEU B 97 11.67 -6.27 16.10
N ILE B 98 10.79 -5.27 16.21
CA ILE B 98 10.93 -4.22 17.20
C ILE B 98 10.04 -4.54 18.39
N ILE B 99 10.61 -4.47 19.59
CA ILE B 99 9.87 -4.60 20.83
C ILE B 99 9.65 -3.20 21.39
N TRP B 100 8.40 -2.79 21.49
CA TRP B 100 8.04 -1.44 21.90
C TRP B 100 7.69 -1.41 23.38
N ASP B 101 7.80 -0.22 23.95
CA ASP B 101 7.22 0.10 25.25
C ASP B 101 6.02 1.00 24.97
N SER B 102 4.81 0.45 25.12
CA SER B 102 3.61 1.18 24.71
C SER B 102 3.38 2.40 25.59
N TYR B 103 3.87 2.40 26.83
CA TYR B 103 3.64 3.52 27.73
C TYR B 103 4.49 4.72 27.35
N THR B 104 5.73 4.48 26.90
CA THR B 104 6.69 5.54 26.65
C THR B 104 7.09 5.65 25.19
N THR B 105 6.56 4.80 24.31
CA THR B 105 6.82 4.78 22.87
C THR B 105 8.30 4.47 22.57
N ASN B 106 9.06 4.05 23.57
CA ASN B 106 10.49 3.81 23.40
C ASN B 106 10.74 2.38 22.96
N LYS B 107 11.63 2.23 21.98
CA LYS B 107 11.95 0.92 21.44
C LYS B 107 12.91 0.20 22.38
N VAL B 108 12.43 -0.85 23.04
CA VAL B 108 13.29 -1.65 23.91
C VAL B 108 14.29 -2.44 23.08
N HIS B 109 13.84 -3.01 21.96
CA HIS B 109 14.69 -3.85 21.12
C HIS B 109 14.43 -3.54 19.66
N ALA B 110 15.37 -3.98 18.82
CA ALA B 110 15.21 -3.94 17.36
C ALA B 110 16.06 -5.08 16.81
N ILE B 111 15.41 -6.19 16.49
CA ILE B 111 16.07 -7.44 16.17
C ILE B 111 16.13 -7.59 14.65
N PRO B 112 17.30 -7.66 14.04
CA PRO B 112 17.38 -7.92 12.59
C PRO B 112 17.15 -9.39 12.29
N LEU B 113 16.21 -9.66 11.39
CA LEU B 113 15.87 -11.02 11.01
C LEU B 113 16.65 -11.42 9.75
N ARG B 114 16.92 -12.72 9.63
CA ARG B 114 17.64 -13.22 8.46
C ARG B 114 16.78 -13.21 7.20
N SER B 115 15.47 -13.16 7.33
CA SER B 115 14.57 -13.11 6.19
C SER B 115 13.57 -11.98 6.40
N SER B 116 13.40 -11.16 5.37
CA SER B 116 12.48 -10.03 5.43
C SER B 116 11.02 -10.45 5.24
N TRP B 117 10.77 -11.71 4.93
CA TRP B 117 9.42 -12.20 4.64
C TRP B 117 8.92 -12.98 5.85
N VAL B 118 8.27 -12.26 6.76
CA VAL B 118 7.70 -12.84 7.96
C VAL B 118 6.22 -12.47 7.99
N MET B 119 5.43 -13.27 8.70
CA MET B 119 4.01 -12.96 8.86
C MET B 119 3.49 -13.16 10.26
N THR B 120 4.30 -13.65 11.21
CA THR B 120 3.80 -13.93 12.54
C THR B 120 4.76 -13.42 13.60
N CYS B 121 4.20 -13.05 14.74
CA CYS B 121 4.94 -12.65 15.93
C CYS B 121 4.39 -13.43 17.11
N ALA B 122 5.28 -13.85 18.01
CA ALA B 122 4.86 -14.49 19.24
C ALA B 122 5.69 -13.93 20.39
N TYR B 123 5.00 -13.49 21.43
CA TYR B 123 5.63 -13.07 22.66
C TYR B 123 5.41 -14.16 23.71
N ALA B 124 6.50 -14.64 24.30
CA ALA B 124 6.39 -15.68 25.31
C ALA B 124 5.65 -15.16 26.54
N PRO B 125 4.84 -16.01 27.18
CA PRO B 125 4.17 -15.57 28.41
C PRO B 125 5.13 -15.17 29.51
N SER B 126 6.29 -15.81 29.59
CA SER B 126 7.32 -15.41 30.56
C SER B 126 8.04 -14.14 30.15
N GLY B 127 8.00 -13.78 28.87
CA GLY B 127 8.60 -12.56 28.40
C GLY B 127 10.08 -12.62 28.10
N ASN B 128 10.71 -13.79 28.24
CA ASN B 128 12.13 -13.94 27.98
C ASN B 128 12.43 -14.44 26.57
N TYR B 129 11.42 -14.68 25.75
CA TYR B 129 11.61 -15.18 24.40
C TYR B 129 10.63 -14.50 23.45
N VAL B 130 11.02 -14.42 22.19
CA VAL B 130 10.17 -13.91 21.12
C VAL B 130 10.41 -14.78 19.89
N ALA B 131 9.34 -15.16 19.21
CA ALA B 131 9.43 -15.96 17.99
C ALA B 131 8.84 -15.18 16.81
N CYS B 132 9.09 -15.71 15.62
CA CYS B 132 8.56 -15.16 14.38
C CYS B 132 8.68 -16.23 13.30
N GLY B 133 8.30 -15.87 12.08
CA GLY B 133 8.38 -16.81 10.97
C GLY B 133 7.60 -16.30 9.79
N GLY B 134 7.74 -17.01 8.68
CA GLY B 134 7.10 -16.63 7.45
C GLY B 134 7.49 -17.49 6.28
N LEU B 135 7.83 -16.86 5.15
CA LEU B 135 8.17 -17.59 3.92
C LEU B 135 9.43 -18.42 4.05
N ASP B 136 10.24 -18.23 5.09
CA ASP B 136 11.37 -19.11 5.36
C ASP B 136 10.96 -20.46 5.92
N ASN B 137 9.68 -20.64 6.27
CA ASN B 137 9.11 -21.89 6.80
C ASN B 137 9.76 -22.32 8.12
N ILE B 138 10.38 -21.39 8.83
CA ILE B 138 11.12 -21.69 10.05
C ILE B 138 10.63 -20.77 11.15
N CYS B 139 10.35 -21.33 12.33
CA CYS B 139 10.03 -20.54 13.51
C CYS B 139 11.34 -20.27 14.23
N SER B 140 11.83 -19.03 14.12
CA SER B 140 13.05 -18.61 14.77
C SER B 140 12.74 -18.02 16.13
N ILE B 141 13.48 -18.47 17.14
CA ILE B 141 13.24 -18.08 18.53
C ILE B 141 14.45 -17.32 19.04
N TYR B 142 14.20 -16.14 19.62
CA TYR B 142 15.25 -15.21 20.01
C TYR B 142 15.20 -15.00 21.51
N ASN B 143 16.35 -15.20 22.17
CA ASN B 143 16.47 -15.06 23.60
C ASN B 143 16.77 -13.60 23.94
N LEU B 144 15.84 -12.94 24.64
CA LEU B 144 16.03 -11.55 25.01
C LEU B 144 16.81 -11.38 26.32
N LYS B 145 16.55 -12.24 27.30
CA LYS B 145 17.20 -12.13 28.61
C LYS B 145 18.53 -12.87 28.61
N THR B 146 19.45 -12.39 27.80
CA THR B 146 20.79 -12.95 27.73
C THR B 146 21.66 -12.40 28.86
N ARG B 147 22.88 -12.94 28.95
CA ARG B 147 23.83 -12.53 29.97
C ARG B 147 24.90 -11.65 29.30
N GLU B 148 24.74 -10.33 29.47
CA GLU B 148 25.68 -9.34 28.93
C GLU B 148 25.87 -9.48 27.43
N GLY B 149 24.79 -9.79 26.73
CA GLY B 149 24.84 -9.95 25.28
C GLY B 149 23.54 -9.52 24.65
N ASN B 150 23.62 -9.18 23.37
CA ASN B 150 22.44 -8.74 22.65
C ASN B 150 21.53 -9.94 22.33
N VAL B 151 20.41 -9.64 21.66
CA VAL B 151 19.43 -10.66 21.34
C VAL B 151 19.94 -11.51 20.18
N ARG B 152 19.99 -12.82 20.39
CA ARG B 152 20.48 -13.75 19.38
C ARG B 152 19.45 -14.86 19.18
N VAL B 153 19.55 -15.52 18.02
CA VAL B 153 18.64 -16.61 17.70
C VAL B 153 18.95 -17.79 18.61
N SER B 154 18.03 -18.09 19.53
CA SER B 154 18.22 -19.19 20.45
C SER B 154 17.99 -20.55 19.77
N ARG B 155 17.03 -20.62 18.86
CA ARG B 155 16.67 -21.88 18.22
C ARG B 155 16.02 -21.59 16.87
N GLU B 156 15.95 -22.63 16.05
CA GLU B 156 15.28 -22.56 14.76
C GLU B 156 14.58 -23.88 14.51
N LEU B 157 13.26 -23.83 14.39
CA LEU B 157 12.44 -25.02 14.18
C LEU B 157 12.17 -25.18 12.69
N ALA B 158 12.72 -26.23 12.09
CA ALA B 158 12.79 -26.37 10.65
C ALA B 158 12.20 -27.69 10.15
N GLY B 159 11.01 -28.04 10.61
CA GLY B 159 10.32 -29.23 10.15
C GLY B 159 9.10 -29.00 9.28
N HIS B 160 8.61 -27.77 9.18
CA HIS B 160 7.44 -27.45 8.38
C HIS B 160 7.80 -27.42 6.90
N THR B 161 6.77 -27.49 6.06
CA THR B 161 6.93 -27.47 4.62
C THR B 161 6.46 -26.17 3.98
N GLY B 162 5.24 -25.73 4.29
CA GLY B 162 4.74 -24.47 3.77
C GLY B 162 5.11 -23.30 4.67
N TYR B 163 4.75 -22.10 4.19
CA TYR B 163 5.09 -20.87 4.89
C TYR B 163 4.44 -20.81 6.26
N LEU B 164 5.20 -20.32 7.24
CA LEU B 164 4.72 -20.21 8.61
C LEU B 164 3.66 -19.12 8.72
N SER B 165 2.45 -19.48 9.12
CA SER B 165 1.37 -18.50 9.20
C SER B 165 1.21 -17.93 10.60
N CYS B 166 1.15 -18.79 11.62
CA CYS B 166 0.98 -18.35 12.98
C CYS B 166 1.79 -19.24 13.91
N CYS B 167 2.13 -18.69 15.07
CA CYS B 167 2.83 -19.42 16.11
C CYS B 167 2.44 -18.82 17.45
N ARG B 168 2.28 -19.67 18.45
CA ARG B 168 1.91 -19.21 19.78
C ARG B 168 2.65 -20.05 20.82
N PHE B 169 3.35 -19.37 21.73
CA PHE B 169 4.02 -20.05 22.82
C PHE B 169 3.01 -20.67 23.77
N LEU B 170 3.23 -21.93 24.12
CA LEU B 170 2.51 -22.53 25.23
C LEU B 170 3.19 -22.21 26.56
N ASP B 171 4.52 -22.31 26.57
CA ASP B 171 5.36 -21.95 27.70
C ASP B 171 6.75 -21.66 27.12
N ASP B 172 7.76 -21.61 27.99
CA ASP B 172 9.12 -21.34 27.53
C ASP B 172 9.71 -22.47 26.71
N ASN B 173 9.08 -23.64 26.67
CA ASN B 173 9.63 -24.80 25.97
C ASN B 173 8.70 -25.40 24.93
N GLN B 174 7.45 -24.94 24.82
CA GLN B 174 6.50 -25.48 23.85
C GLN B 174 5.88 -24.34 23.06
N ILE B 175 5.76 -24.54 21.75
CA ILE B 175 5.17 -23.55 20.86
C ILE B 175 4.38 -24.28 19.78
N VAL B 176 3.13 -23.85 19.58
CA VAL B 176 2.25 -24.42 18.56
C VAL B 176 2.35 -23.57 17.31
N THR B 177 2.58 -24.21 16.17
CA THR B 177 2.82 -23.51 14.92
C THR B 177 1.87 -24.03 13.85
N SER B 178 1.39 -23.13 13.00
CA SER B 178 0.60 -23.49 11.82
C SER B 178 1.31 -22.96 10.58
N SER B 179 1.09 -23.64 9.46
CA SER B 179 1.77 -23.28 8.23
C SER B 179 0.86 -23.49 7.03
N GLY B 180 1.40 -23.17 5.86
CA GLY B 180 0.65 -23.25 4.62
C GLY B 180 0.73 -24.60 3.92
N ASP B 181 1.22 -25.62 4.63
CA ASP B 181 1.18 -26.99 4.11
C ASP B 181 -0.02 -27.75 4.67
N THR B 182 -1.08 -27.02 5.06
CA THR B 182 -2.33 -27.58 5.58
C THR B 182 -2.12 -28.39 6.86
N THR B 183 -1.09 -28.05 7.65
CA THR B 183 -0.80 -28.76 8.89
C THR B 183 -0.48 -27.76 10.01
N CYS B 184 -0.68 -28.21 11.23
CA CYS B 184 -0.20 -27.54 12.43
C CYS B 184 0.67 -28.50 13.23
N ALA B 185 1.56 -27.95 14.04
CA ALA B 185 2.49 -28.80 14.78
C ALA B 185 2.80 -28.19 16.13
N LEU B 186 3.05 -29.05 17.11
CA LEU B 186 3.53 -28.67 18.43
C LEU B 186 4.99 -29.06 18.56
N TRP B 187 5.82 -28.15 19.06
CA TRP B 187 7.25 -28.30 19.06
C TRP B 187 7.80 -28.42 20.48
N ASP B 188 9.03 -28.92 20.56
CA ASP B 188 9.84 -28.91 21.78
C ASP B 188 11.06 -28.05 21.50
N ILE B 189 11.15 -26.90 22.18
CA ILE B 189 12.17 -25.91 21.85
C ILE B 189 13.56 -26.42 22.20
N GLU B 190 13.68 -27.18 23.30
CA GLU B 190 14.98 -27.68 23.73
C GLU B 190 15.58 -28.64 22.70
N THR B 191 14.76 -29.53 22.15
CA THR B 191 15.24 -30.52 21.20
C THR B 191 15.11 -30.07 19.75
N GLY B 192 14.06 -29.34 19.42
CA GLY B 192 13.96 -28.72 18.10
C GLY B 192 13.18 -29.49 17.06
N GLN B 193 12.44 -30.52 17.44
CA GLN B 193 11.61 -31.25 16.48
C GLN B 193 10.18 -31.34 17.01
N GLN B 194 9.26 -31.62 16.09
CA GLN B 194 7.84 -31.64 16.42
C GLN B 194 7.52 -32.78 17.38
N THR B 195 6.59 -32.52 18.29
CA THR B 195 6.07 -33.54 19.20
C THR B 195 4.83 -34.22 18.60
N THR B 196 3.88 -33.43 18.14
CA THR B 196 2.68 -33.96 17.48
C THR B 196 2.34 -33.07 16.29
N THR B 197 1.60 -33.64 15.34
CA THR B 197 1.19 -32.96 14.14
C THR B 197 -0.30 -33.08 13.95
N PHE B 198 -0.93 -31.99 13.54
CA PHE B 198 -2.39 -31.91 13.36
C PHE B 198 -2.62 -31.81 11.86
N THR B 199 -2.73 -32.96 11.20
CA THR B 199 -2.57 -33.05 9.75
C THR B 199 -3.89 -32.97 8.98
N GLY B 200 -5.02 -33.21 9.62
CA GLY B 200 -6.24 -33.28 8.85
C GLY B 200 -6.89 -31.93 8.61
N HIS B 201 -6.60 -31.34 7.46
CA HIS B 201 -7.10 -30.02 7.11
C HIS B 201 -6.87 -29.83 5.62
N THR B 202 -7.66 -28.95 5.03
CA THR B 202 -7.54 -28.63 3.61
C THR B 202 -7.23 -27.13 3.48
N GLY B 203 -6.39 -26.78 2.53
CA GLY B 203 -6.01 -25.39 2.35
C GLY B 203 -5.06 -24.91 3.43
N ASP B 204 -4.37 -23.81 3.13
CA ASP B 204 -3.38 -23.28 4.05
C ASP B 204 -4.06 -22.78 5.33
N VAL B 205 -3.53 -23.21 6.48
CA VAL B 205 -4.02 -22.73 7.76
C VAL B 205 -3.51 -21.31 7.96
N MET B 206 -4.43 -20.37 8.14
CA MET B 206 -4.07 -18.96 8.17
C MET B 206 -3.94 -18.39 9.58
N SER B 207 -4.63 -18.96 10.56
CA SER B 207 -4.56 -18.45 11.91
C SER B 207 -4.81 -19.58 12.89
N LEU B 208 -4.47 -19.34 14.15
CA LEU B 208 -4.76 -20.26 15.23
C LEU B 208 -4.97 -19.45 16.50
N SER B 209 -5.67 -20.04 17.46
CA SER B 209 -5.99 -19.36 18.70
C SER B 209 -5.96 -20.38 19.83
N LEU B 210 -5.11 -20.13 20.83
CA LEU B 210 -5.02 -21.00 21.98
C LEU B 210 -6.18 -20.79 22.93
N ALA B 211 -6.67 -21.89 23.49
CA ALA B 211 -7.70 -21.81 24.51
C ALA B 211 -7.11 -21.20 25.78
N PRO B 212 -7.92 -20.55 26.61
CA PRO B 212 -7.41 -20.05 27.90
C PRO B 212 -6.84 -21.13 28.79
N ASP B 213 -7.40 -22.35 28.75
CA ASP B 213 -6.86 -23.46 29.51
C ASP B 213 -5.61 -24.06 28.88
N THR B 214 -5.27 -23.66 27.65
CA THR B 214 -4.10 -24.13 26.90
C THR B 214 -4.13 -25.63 26.66
N ARG B 215 -5.31 -26.24 26.65
CA ARG B 215 -5.46 -27.66 26.35
C ARG B 215 -6.04 -27.92 24.97
N LEU B 216 -6.62 -26.90 24.33
CA LEU B 216 -7.15 -27.01 22.98
C LEU B 216 -6.71 -25.78 22.20
N PHE B 217 -6.91 -25.84 20.88
CA PHE B 217 -6.74 -24.67 20.04
C PHE B 217 -7.54 -24.86 18.76
N VAL B 218 -8.03 -23.76 18.20
CA VAL B 218 -8.80 -23.76 16.97
C VAL B 218 -7.93 -23.17 15.86
N SER B 219 -8.08 -23.71 14.66
CA SER B 219 -7.36 -23.22 13.49
C SER B 219 -8.33 -23.02 12.35
N GLY B 220 -8.26 -21.85 11.71
CA GLY B 220 -9.05 -21.55 10.53
C GLY B 220 -8.14 -21.51 9.31
N ALA B 221 -8.57 -22.20 8.25
CA ALA B 221 -7.75 -22.38 7.07
C ALA B 221 -8.42 -21.78 5.84
N CYS B 222 -7.83 -22.06 4.68
CA CYS B 222 -8.27 -21.54 3.40
C CYS B 222 -9.32 -22.43 2.73
N ASP B 223 -9.79 -23.48 3.40
CA ASP B 223 -10.86 -24.31 2.88
C ASP B 223 -12.24 -23.87 3.37
N ALA B 224 -12.35 -22.63 3.87
CA ALA B 224 -13.60 -22.09 4.41
C ALA B 224 -14.13 -22.94 5.56
N SER B 225 -13.23 -23.44 6.39
CA SER B 225 -13.61 -24.26 7.54
C SER B 225 -12.66 -23.99 8.69
N ALA B 226 -13.13 -24.31 9.89
CA ALA B 226 -12.31 -24.20 11.10
C ALA B 226 -12.43 -25.50 11.88
N LYS B 227 -11.34 -25.88 12.54
CA LYS B 227 -11.27 -27.13 13.27
C LYS B 227 -10.75 -26.90 14.68
N LEU B 228 -11.28 -27.67 15.62
CA LEU B 228 -10.85 -27.63 17.01
C LEU B 228 -9.96 -28.83 17.28
N TRP B 229 -8.77 -28.58 17.82
CA TRP B 229 -7.76 -29.61 18.02
C TRP B 229 -7.50 -29.83 19.50
N ASP B 230 -7.08 -31.04 19.84
CA ASP B 230 -6.64 -31.40 21.17
C ASP B 230 -5.11 -31.48 21.17
N VAL B 231 -4.47 -30.72 22.06
CA VAL B 231 -3.02 -30.67 22.07
C VAL B 231 -2.45 -31.99 22.58
N ARG B 232 -3.03 -32.55 23.64
CA ARG B 232 -2.53 -33.80 24.19
C ARG B 232 -2.84 -34.98 23.27
N GLU B 233 -4.07 -35.07 22.78
CA GLU B 233 -4.47 -36.20 21.95
C GLU B 233 -3.96 -36.09 20.52
N GLY B 234 -3.79 -34.88 20.01
CA GLY B 234 -3.37 -34.69 18.64
C GLY B 234 -4.40 -35.11 17.61
N MET B 235 -5.68 -34.83 17.88
CA MET B 235 -6.75 -35.22 16.98
C MET B 235 -7.74 -34.07 16.86
N CYS B 236 -8.50 -34.09 15.76
CA CYS B 236 -9.54 -33.09 15.52
C CYS B 236 -10.84 -33.54 16.16
N ARG B 237 -11.44 -32.67 16.95
CA ARG B 237 -12.66 -33.00 17.67
C ARG B 237 -13.92 -32.41 17.04
N GLN B 238 -13.80 -31.29 16.33
CA GLN B 238 -14.97 -30.67 15.73
C GLN B 238 -14.54 -29.93 14.47
N THR B 239 -15.51 -29.73 13.57
CA THR B 239 -15.30 -28.97 12.35
C THR B 239 -16.49 -28.05 12.14
N PHE B 240 -16.21 -26.82 11.71
CA PHE B 240 -17.23 -25.79 11.53
C PHE B 240 -17.10 -25.22 10.13
N THR B 241 -18.15 -25.33 9.34
CA THR B 241 -18.13 -25.02 7.91
C THR B 241 -19.22 -24.03 7.54
N GLY B 242 -19.33 -22.95 8.30
CA GLY B 242 -20.32 -21.95 8.00
C GLY B 242 -19.89 -20.90 6.98
N HIS B 243 -18.60 -20.59 6.93
CA HIS B 243 -18.10 -19.50 6.10
C HIS B 243 -18.13 -19.88 4.62
N GLU B 244 -17.76 -18.91 3.78
CA GLU B 244 -17.87 -19.04 2.34
C GLU B 244 -16.54 -18.94 1.61
N SER B 245 -15.51 -18.36 2.22
CA SER B 245 -14.21 -18.21 1.58
C SER B 245 -13.13 -18.43 2.62
N ASP B 246 -11.90 -18.07 2.25
CA ASP B 246 -10.73 -18.28 3.10
C ASP B 246 -10.88 -17.56 4.44
N ILE B 247 -10.70 -18.32 5.52
CA ILE B 247 -10.71 -17.74 6.86
C ILE B 247 -9.33 -17.16 7.15
N ASN B 248 -9.30 -15.90 7.56
CA ASN B 248 -8.05 -15.17 7.73
C ASN B 248 -7.62 -15.05 9.18
N ALA B 249 -8.57 -14.86 10.09
CA ALA B 249 -8.27 -14.69 11.51
C ALA B 249 -9.24 -15.52 12.32
N ILE B 250 -8.80 -15.88 13.53
CA ILE B 250 -9.62 -16.67 14.45
C ILE B 250 -9.24 -16.28 15.86
N CYS B 251 -10.23 -16.23 16.75
CA CYS B 251 -10.01 -15.79 18.12
C CYS B 251 -10.94 -16.55 19.04
N PHE B 252 -10.40 -17.09 20.12
CA PHE B 252 -11.22 -17.76 21.11
C PHE B 252 -12.00 -16.75 21.94
N PHE B 253 -13.21 -17.15 22.33
CA PHE B 253 -13.97 -16.38 23.29
C PHE B 253 -13.26 -16.44 24.66
N PRO B 254 -13.42 -15.40 25.49
CA PRO B 254 -12.71 -15.39 26.78
C PRO B 254 -12.98 -16.59 27.67
N ASN B 255 -14.18 -17.16 27.65
CA ASN B 255 -14.43 -18.34 28.47
C ASN B 255 -14.01 -19.64 27.78
N GLY B 256 -13.61 -19.58 26.51
CA GLY B 256 -13.14 -20.75 25.81
C GLY B 256 -14.23 -21.65 25.24
N ASN B 257 -15.49 -21.26 25.34
CA ASN B 257 -16.59 -22.07 24.86
C ASN B 257 -17.09 -21.63 23.49
N ALA B 258 -16.43 -20.68 22.86
CA ALA B 258 -16.83 -20.19 21.54
C ALA B 258 -15.61 -19.56 20.88
N PHE B 259 -15.77 -19.23 19.59
CA PHE B 259 -14.72 -18.52 18.87
C PHE B 259 -15.35 -17.78 17.69
N ALA B 260 -14.56 -16.86 17.12
CA ALA B 260 -14.99 -16.07 15.98
C ALA B 260 -14.01 -16.24 14.83
N THR B 261 -14.51 -16.01 13.62
CA THR B 261 -13.72 -16.19 12.40
C THR B 261 -13.99 -15.06 11.43
N GLY B 262 -12.92 -14.42 10.96
CA GLY B 262 -13.01 -13.39 9.94
C GLY B 262 -12.46 -13.92 8.63
N SER B 263 -13.26 -13.79 7.57
CA SER B 263 -12.97 -14.44 6.30
C SER B 263 -13.02 -13.43 5.16
N ASP B 264 -12.71 -13.92 3.95
CA ASP B 264 -12.69 -13.12 2.74
C ASP B 264 -14.09 -12.83 2.19
N ASP B 265 -15.13 -13.48 2.70
CA ASP B 265 -16.48 -13.23 2.24
C ASP B 265 -17.10 -11.99 2.88
N ALA B 266 -16.27 -11.13 3.48
CA ALA B 266 -16.71 -9.88 4.13
C ALA B 266 -17.72 -10.16 5.24
N THR B 267 -17.42 -11.16 6.06
CA THR B 267 -18.36 -11.57 7.10
C THR B 267 -17.58 -12.20 8.25
N CYS B 268 -17.90 -11.78 9.47
CA CYS B 268 -17.47 -12.48 10.67
C CYS B 268 -18.62 -13.35 11.18
N ARG B 269 -18.28 -14.49 11.75
CA ARG B 269 -19.27 -15.41 12.28
C ARG B 269 -18.81 -15.92 13.64
N LEU B 270 -19.76 -16.30 14.48
CA LEU B 270 -19.48 -16.79 15.82
C LEU B 270 -19.92 -18.25 15.91
N PHE B 271 -19.03 -19.10 16.40
CA PHE B 271 -19.27 -20.54 16.49
C PHE B 271 -19.16 -20.99 17.94
N ASP B 272 -20.07 -21.88 18.33
CA ASP B 272 -20.10 -22.44 19.67
C ASP B 272 -19.59 -23.87 19.65
N LEU B 273 -18.64 -24.18 20.54
CA LEU B 273 -18.12 -25.53 20.61
C LEU B 273 -19.18 -26.53 21.06
N ARG B 274 -19.99 -26.15 22.05
CA ARG B 274 -20.99 -27.07 22.57
C ARG B 274 -22.15 -27.27 21.60
N ALA B 275 -22.65 -26.18 21.01
CA ALA B 275 -23.75 -26.30 20.05
C ALA B 275 -23.28 -26.86 18.71
N ASP B 276 -21.99 -26.73 18.39
CA ASP B 276 -21.41 -27.22 17.14
C ASP B 276 -22.11 -26.63 15.92
N GLN B 277 -22.42 -25.33 15.99
CA GLN B 277 -23.07 -24.64 14.87
C GLN B 277 -22.79 -23.15 15.00
N GLU B 278 -22.98 -22.45 13.88
CA GLU B 278 -22.81 -20.99 13.88
C GLU B 278 -23.94 -20.33 14.65
N LEU B 279 -23.60 -19.28 15.39
CA LEU B 279 -24.57 -18.55 16.20
C LEU B 279 -24.86 -17.15 15.69
N MET B 280 -23.84 -16.42 15.24
CA MET B 280 -24.00 -15.05 14.79
C MET B 280 -23.32 -14.87 13.44
N THR B 281 -23.76 -13.85 12.71
CA THR B 281 -23.19 -13.50 11.41
C THR B 281 -23.07 -11.98 11.36
N TYR B 282 -21.85 -11.48 11.56
CA TYR B 282 -21.59 -10.05 11.62
C TYR B 282 -21.31 -9.52 10.22
N SER B 283 -22.37 -9.46 9.42
CA SER B 283 -22.29 -9.04 8.02
C SER B 283 -23.25 -7.90 7.78
N HIS B 284 -22.77 -6.83 7.15
CA HIS B 284 -23.59 -5.72 6.74
C HIS B 284 -23.30 -5.38 5.28
N ASP B 285 -24.31 -4.87 4.58
CA ASP B 285 -24.12 -4.44 3.21
C ASP B 285 -23.16 -3.26 3.16
N ASN B 286 -22.64 -2.99 1.96
CA ASN B 286 -21.59 -2.01 1.65
C ASN B 286 -20.24 -2.40 2.24
N ILE B 287 -20.13 -3.55 2.90
CA ILE B 287 -18.85 -4.11 3.30
C ILE B 287 -18.53 -5.22 2.29
N ILE B 288 -17.55 -4.97 1.42
CA ILE B 288 -17.20 -5.88 0.35
C ILE B 288 -15.74 -6.30 0.42
N CYS B 289 -15.08 -6.11 1.56
CA CYS B 289 -13.69 -6.44 1.74
C CYS B 289 -13.53 -7.52 2.79
N GLY B 290 -12.45 -8.29 2.68
CA GLY B 290 -12.21 -9.34 3.65
C GLY B 290 -11.75 -8.81 4.99
N ILE B 291 -11.89 -9.65 6.01
CA ILE B 291 -11.46 -9.33 7.36
C ILE B 291 -10.06 -9.88 7.55
N THR B 292 -9.13 -9.02 7.95
CA THR B 292 -7.75 -9.42 8.12
C THR B 292 -7.44 -9.87 9.55
N SER B 293 -8.05 -9.22 10.54
CA SER B 293 -7.77 -9.51 11.95
C SER B 293 -9.09 -9.61 12.72
N VAL B 294 -9.07 -10.43 13.77
CA VAL B 294 -10.22 -10.61 14.65
C VAL B 294 -9.72 -10.68 16.08
N SER B 295 -10.38 -9.93 16.98
CA SER B 295 -10.06 -10.01 18.40
C SER B 295 -11.32 -9.71 19.20
N PHE B 296 -11.34 -10.22 20.42
CA PHE B 296 -12.41 -9.97 21.37
C PHE B 296 -11.90 -9.04 22.47
N SER B 297 -12.85 -8.41 23.15
CA SER B 297 -12.51 -7.63 24.33
C SER B 297 -12.36 -8.56 25.54
N LYS B 298 -12.07 -7.97 26.69
CA LYS B 298 -11.88 -8.78 27.90
C LYS B 298 -13.17 -9.45 28.34
N SER B 299 -14.29 -8.73 28.26
CA SER B 299 -15.58 -9.32 28.59
C SER B 299 -16.14 -10.16 27.46
N GLY B 300 -15.66 -9.98 26.24
CA GLY B 300 -16.22 -10.64 25.08
C GLY B 300 -17.40 -9.95 24.46
N ARG B 301 -17.84 -8.83 25.01
CA ARG B 301 -18.99 -8.12 24.45
C ARG B 301 -18.65 -7.49 23.11
N LEU B 302 -17.44 -6.96 22.98
CA LEU B 302 -17.01 -6.31 21.75
C LEU B 302 -16.16 -7.27 20.93
N LEU B 303 -16.47 -7.34 19.63
CA LEU B 303 -15.65 -8.07 18.68
C LEU B 303 -15.00 -7.05 17.77
N LEU B 304 -13.69 -6.91 17.86
CA LEU B 304 -12.94 -5.97 17.04
C LEU B 304 -12.39 -6.70 15.83
N ALA B 305 -12.72 -6.20 14.64
CA ALA B 305 -12.34 -6.82 13.39
C ALA B 305 -11.64 -5.82 12.50
N GLY B 306 -10.44 -6.15 12.06
CA GLY B 306 -9.74 -5.33 11.09
C GLY B 306 -10.12 -5.70 9.67
N TYR B 307 -10.12 -4.70 8.79
CA TYR B 307 -10.62 -4.87 7.44
C TYR B 307 -9.58 -4.38 6.43
N ASP B 308 -9.77 -4.80 5.19
CA ASP B 308 -8.91 -4.40 4.08
C ASP B 308 -9.36 -3.10 3.44
N ASP B 309 -10.43 -2.50 3.97
CA ASP B 309 -10.97 -1.22 3.50
C ASP B 309 -10.42 -0.07 4.34
N PHE B 310 -9.15 -0.19 4.72
CA PHE B 310 -8.31 0.83 5.35
C PHE B 310 -8.65 1.03 6.82
N ASN B 311 -9.71 0.42 7.35
CA ASN B 311 -10.24 0.77 8.66
C ASN B 311 -10.57 -0.49 9.45
N CYS B 312 -11.06 -0.28 10.66
CA CYS B 312 -11.44 -1.35 11.58
C CYS B 312 -12.84 -1.10 12.09
N ASN B 313 -13.50 -2.17 12.54
CA ASN B 313 -14.88 -2.11 12.99
C ASN B 313 -15.01 -2.73 14.38
N VAL B 314 -15.96 -2.21 15.15
CA VAL B 314 -16.30 -2.76 16.46
C VAL B 314 -17.69 -3.35 16.36
N TRP B 315 -17.82 -4.62 16.73
CA TRP B 315 -19.06 -5.36 16.57
C TRP B 315 -19.64 -5.71 17.93
N ASP B 316 -20.96 -5.66 18.03
CA ASP B 316 -21.66 -6.20 19.18
C ASP B 316 -21.74 -7.72 19.01
N ALA B 317 -21.05 -8.46 19.88
CA ALA B 317 -20.88 -9.89 19.67
C ALA B 317 -22.21 -10.63 19.77
N LEU B 318 -23.12 -10.17 20.60
CA LEU B 318 -24.40 -10.83 20.81
C LEU B 318 -25.57 -10.09 20.18
N LYS B 319 -25.31 -9.08 19.35
CA LYS B 319 -26.37 -8.38 18.65
C LYS B 319 -26.12 -8.22 17.17
N ALA B 320 -24.90 -8.48 16.69
CA ALA B 320 -24.54 -8.42 15.27
C ALA B 320 -24.83 -7.05 14.68
N ASP B 321 -24.57 -6.00 15.46
CA ASP B 321 -24.76 -4.64 15.02
C ASP B 321 -23.48 -3.84 15.28
N ARG B 322 -23.20 -2.90 14.37
CA ARG B 322 -22.01 -2.08 14.50
C ARG B 322 -22.07 -1.22 15.76
N ALA B 323 -20.91 -1.04 16.39
CA ALA B 323 -20.83 -0.22 17.60
C ALA B 323 -19.72 0.83 17.54
N GLY B 324 -18.81 0.77 16.58
CA GLY B 324 -17.75 1.75 16.51
C GLY B 324 -16.87 1.48 15.31
N VAL B 325 -16.02 2.46 15.02
CA VAL B 325 -15.06 2.38 13.92
C VAL B 325 -13.74 2.98 14.39
N LEU B 326 -12.64 2.26 14.17
CA LEU B 326 -11.30 2.81 14.39
C LEU B 326 -10.72 3.18 13.04
N ALA B 327 -10.98 4.41 12.60
CA ALA B 327 -10.53 4.91 11.30
C ALA B 327 -9.35 5.86 11.53
N GLY B 328 -8.16 5.29 11.65
CA GLY B 328 -6.97 6.10 11.83
C GLY B 328 -5.81 5.69 10.96
N HIS B 329 -5.93 4.54 10.29
CA HIS B 329 -4.86 4.00 9.48
C HIS B 329 -5.04 4.38 8.01
N ASP B 330 -3.98 4.20 7.24
CA ASP B 330 -3.92 4.75 5.89
C ASP B 330 -3.78 3.71 4.78
N ASN B 331 -3.24 2.53 5.04
CA ASN B 331 -3.00 1.57 3.96
C ASN B 331 -3.82 0.29 4.10
N ARG B 332 -3.67 -0.45 5.20
CA ARG B 332 -4.43 -1.69 5.42
C ARG B 332 -4.21 -2.20 6.84
N VAL B 333 -5.27 -2.47 7.59
CA VAL B 333 -5.12 -2.99 8.94
C VAL B 333 -4.78 -4.47 8.83
N SER B 334 -3.51 -4.81 9.03
CA SER B 334 -3.04 -6.17 8.88
C SER B 334 -3.09 -6.96 10.18
N CYS B 335 -2.87 -6.30 11.31
CA CYS B 335 -2.85 -6.96 12.60
C CYS B 335 -3.64 -6.13 13.60
N LEU B 336 -4.15 -6.79 14.63
CA LEU B 336 -5.00 -6.17 15.62
C LEU B 336 -5.07 -7.07 16.84
N GLY B 337 -4.76 -6.51 18.01
CA GLY B 337 -4.76 -7.29 19.22
C GLY B 337 -5.25 -6.47 20.39
N VAL B 338 -5.89 -7.16 21.34
CA VAL B 338 -6.42 -6.55 22.55
C VAL B 338 -5.55 -7.00 23.72
N THR B 339 -5.23 -6.06 24.59
CA THR B 339 -4.29 -6.29 25.68
C THR B 339 -4.88 -7.29 26.68
N ASP B 340 -3.99 -7.95 27.43
CA ASP B 340 -4.40 -9.01 28.35
C ASP B 340 -5.32 -8.47 29.44
N ASP B 341 -5.04 -7.29 29.97
CA ASP B 341 -5.94 -6.66 30.92
C ASP B 341 -7.08 -5.91 30.25
N GLY B 342 -7.10 -5.85 28.92
CA GLY B 342 -8.20 -5.25 28.19
C GLY B 342 -8.22 -3.74 28.20
N MET B 343 -7.14 -3.09 28.63
CA MET B 343 -7.11 -1.64 28.75
C MET B 343 -6.88 -0.94 27.42
N ALA B 344 -6.42 -1.65 26.39
CA ALA B 344 -6.14 -1.01 25.11
C ALA B 344 -6.19 -2.04 24.00
N VAL B 345 -6.33 -1.55 22.77
CA VAL B 345 -6.28 -2.37 21.57
C VAL B 345 -5.25 -1.76 20.65
N ALA B 346 -4.24 -2.55 20.27
CA ALA B 346 -3.21 -2.12 19.35
C ALA B 346 -3.52 -2.67 17.96
N THR B 347 -3.52 -1.79 16.97
CA THR B 347 -3.77 -2.16 15.58
C THR B 347 -2.60 -1.68 14.74
N GLY B 348 -1.85 -2.61 14.17
CA GLY B 348 -0.85 -2.25 13.18
C GLY B 348 -1.45 -2.16 11.79
N SER B 349 -0.72 -1.52 10.90
CA SER B 349 -1.25 -1.30 9.55
C SER B 349 -0.13 -1.37 8.53
N TRP B 350 -0.55 -1.40 7.26
CA TRP B 350 0.39 -1.43 6.15
C TRP B 350 1.05 -0.07 5.90
N ASP B 351 0.67 0.97 6.63
CA ASP B 351 1.30 2.28 6.51
C ASP B 351 2.53 2.43 7.40
N SER B 352 3.07 1.32 7.91
CA SER B 352 4.27 1.26 8.74
C SER B 352 4.07 1.85 10.13
N PHE B 353 2.83 2.03 10.58
CA PHE B 353 2.56 2.63 11.88
C PHE B 353 1.65 1.72 12.70
N LEU B 354 1.94 1.62 13.99
CA LEU B 354 1.06 0.99 14.96
C LEU B 354 0.33 2.06 15.76
N LYS B 355 -0.86 1.72 16.24
CA LYS B 355 -1.68 2.67 16.97
C LYS B 355 -2.31 1.99 18.17
N ILE B 356 -2.22 2.63 19.33
CA ILE B 356 -2.89 2.17 20.53
C ILE B 356 -4.17 2.98 20.69
N TRP B 357 -5.28 2.29 20.97
CA TRP B 357 -6.59 2.91 21.06
C TRP B 357 -7.18 2.67 22.44
N ASN B 358 -8.05 3.58 22.85
CA ASN B 358 -8.68 3.49 24.17
C ASN B 358 -10.04 4.17 24.17
N LYS C 14 -10.12 -41.52 5.15
CA LYS C 14 -9.96 -40.73 6.36
C LYS C 14 -11.12 -39.77 6.56
N LEU C 15 -11.68 -39.23 5.48
CA LEU C 15 -12.78 -38.28 5.59
C LEU C 15 -14.02 -38.92 6.18
N VAL C 16 -14.39 -40.11 5.72
CA VAL C 16 -15.57 -40.78 6.23
C VAL C 16 -15.37 -41.20 7.67
N GLU C 17 -14.16 -41.63 8.02
CA GLU C 17 -13.87 -41.99 9.41
C GLU C 17 -13.97 -40.79 10.33
N GLN C 18 -13.44 -39.64 9.89
CA GLN C 18 -13.54 -38.43 10.69
C GLN C 18 -14.99 -37.96 10.81
N LEU C 19 -15.76 -38.07 9.73
CA LEU C 19 -17.17 -37.70 9.78
C LEU C 19 -17.95 -38.59 10.75
N LYS C 20 -17.66 -39.90 10.73
CA LYS C 20 -18.32 -40.80 11.67
C LYS C 20 -17.90 -40.52 13.10
N MET C 21 -16.62 -40.16 13.31
CA MET C 21 -16.16 -39.83 14.65
C MET C 21 -16.80 -38.56 15.19
N GLU C 22 -16.93 -37.55 14.35
CA GLU C 22 -17.49 -36.27 14.77
C GLU C 22 -19.01 -36.22 14.71
N ALA C 23 -19.65 -37.22 14.11
CA ALA C 23 -21.12 -37.23 14.07
C ALA C 23 -21.70 -37.62 15.42
N ASN C 24 -21.01 -38.46 16.19
CA ASN C 24 -21.48 -38.88 17.50
C ASN C 24 -20.91 -37.93 18.56
N ILE C 25 -21.59 -36.80 18.72
CA ILE C 25 -21.19 -35.79 19.69
C ILE C 25 -22.38 -35.44 20.59
N ASP C 26 -22.05 -34.87 21.75
CA ASP C 26 -23.06 -34.45 22.72
C ASP C 26 -23.34 -32.97 22.49
N ARG C 27 -24.20 -32.68 21.53
CA ARG C 27 -24.56 -31.31 21.19
C ARG C 27 -25.76 -30.86 22.03
N ILE C 28 -25.72 -29.62 22.47
CA ILE C 28 -26.78 -29.05 23.29
C ILE C 28 -27.56 -28.04 22.46
N LYS C 29 -28.66 -27.55 23.04
CA LYS C 29 -29.51 -26.60 22.34
C LYS C 29 -28.81 -25.26 22.17
N VAL C 30 -29.13 -24.59 21.06
CA VAL C 30 -28.55 -23.28 20.78
C VAL C 30 -28.98 -22.25 21.81
N SER C 31 -30.18 -22.41 22.37
CA SER C 31 -30.65 -21.50 23.41
C SER C 31 -29.75 -21.55 24.64
N LYS C 32 -29.31 -22.74 25.03
CA LYS C 32 -28.43 -22.87 26.18
C LYS C 32 -27.08 -22.19 25.94
N ALA C 33 -26.51 -22.38 24.74
CA ALA C 33 -25.24 -21.75 24.42
C ALA C 33 -25.36 -20.23 24.38
N ALA C 34 -26.44 -19.72 23.79
CA ALA C 34 -26.68 -18.28 23.76
C ALA C 34 -26.86 -17.72 25.15
N ALA C 35 -27.58 -18.45 26.02
CA ALA C 35 -27.77 -18.01 27.39
C ALA C 35 -26.45 -18.00 28.16
N ASP C 36 -25.59 -18.99 27.93
CA ASP C 36 -24.29 -19.02 28.59
C ASP C 36 -23.41 -17.86 28.13
N LEU C 37 -23.40 -17.57 26.83
CA LEU C 37 -22.63 -16.43 26.34
C LEU C 37 -23.16 -15.12 26.91
N MET C 38 -24.49 -14.98 26.97
CA MET C 38 -25.08 -13.78 27.55
C MET C 38 -24.73 -13.65 29.03
N ALA C 39 -24.77 -14.76 29.76
CA ALA C 39 -24.43 -14.74 31.18
C ALA C 39 -22.97 -14.33 31.40
N TYR C 40 -22.06 -14.86 30.58
CA TYR C 40 -20.66 -14.49 30.71
C TYR C 40 -20.45 -13.01 30.41
N CYS C 41 -21.03 -12.53 29.30
CA CYS C 41 -20.83 -11.14 28.92
C CYS C 41 -21.49 -10.17 29.90
N GLU C 42 -22.57 -10.59 30.54
CA GLU C 42 -23.20 -9.75 31.55
C GLU C 42 -22.40 -9.76 32.86
N ALA C 43 -21.83 -10.91 33.21
CA ALA C 43 -21.10 -11.02 34.47
C ALA C 43 -19.76 -10.29 34.41
N HIS C 44 -19.09 -10.33 33.26
CA HIS C 44 -17.76 -9.75 33.14
C HIS C 44 -17.76 -8.36 32.51
N ALA C 45 -18.92 -7.74 32.35
CA ALA C 45 -18.99 -6.43 31.71
C ALA C 45 -18.41 -5.33 32.59
N LYS C 46 -18.25 -5.57 33.88
CA LYS C 46 -17.76 -4.54 34.79
C LYS C 46 -16.28 -4.26 34.57
N GLU C 47 -15.49 -5.29 34.27
CA GLU C 47 -14.04 -5.17 34.16
C GLU C 47 -13.57 -5.08 32.72
N ASP C 48 -14.35 -4.47 31.84
CA ASP C 48 -13.97 -4.28 30.44
C ASP C 48 -13.90 -2.79 30.13
N PRO C 49 -12.71 -2.19 30.14
CA PRO C 49 -12.58 -0.74 29.94
C PRO C 49 -12.55 -0.31 28.47
N LEU C 50 -13.47 -0.85 27.67
CA LEU C 50 -13.60 -0.48 26.27
C LEU C 50 -15.07 -0.39 25.87
N LEU D 45 11.61 64.58 -2.34
CA LEU D 45 11.00 65.44 -3.36
C LEU D 45 11.91 66.60 -3.81
N GLY D 46 13.19 66.31 -4.04
CA GLY D 46 14.08 67.33 -4.55
C GLY D 46 14.18 67.06 -6.02
N TYR D 47 13.26 66.25 -6.53
CA TYR D 47 13.30 65.89 -7.94
C TYR D 47 12.79 66.93 -8.87
N ARG D 48 13.45 67.06 -10.01
CA ARG D 48 13.05 68.05 -11.00
C ARG D 48 11.84 67.59 -11.81
N CYS D 49 11.80 66.32 -12.21
CA CYS D 49 10.70 65.75 -12.96
C CYS D 49 9.64 65.22 -12.00
N ARG D 50 8.38 65.45 -12.34
CA ARG D 50 7.26 65.00 -11.52
C ARG D 50 6.53 63.88 -12.25
N PHE D 51 6.36 62.75 -11.58
CA PHE D 51 5.71 61.59 -12.19
C PHE D 51 4.20 61.77 -12.17
N ASN D 52 3.56 61.49 -13.31
CA ASN D 52 2.11 61.52 -13.41
C ASN D 52 1.55 60.15 -13.03
N GLU D 53 1.65 59.84 -11.74
CA GLU D 53 1.26 58.54 -11.22
C GLU D 53 -0.19 58.54 -10.75
N ASP D 54 -1.08 59.02 -11.63
CA ASP D 54 -2.51 58.93 -11.39
C ASP D 54 -3.04 57.53 -11.65
N PHE D 55 -2.34 56.75 -12.46
CA PHE D 55 -2.71 55.36 -12.71
C PHE D 55 -2.51 54.50 -11.48
N LYS D 56 -1.60 54.82 -10.60
CA LYS D 56 -1.31 53.90 -9.51
C LYS D 56 -2.46 53.73 -8.60
N TYR D 57 -2.96 54.83 -8.05
CA TYR D 57 -3.99 54.69 -7.02
C TYR D 57 -5.20 53.89 -7.50
N VAL D 58 -5.36 53.74 -8.82
CA VAL D 58 -6.43 52.93 -9.37
C VAL D 58 -5.97 51.51 -9.68
N LEU D 59 -4.73 51.33 -10.14
CA LEU D 59 -4.25 50.00 -10.54
C LEU D 59 -3.70 49.20 -9.38
N LEU D 60 -2.70 49.74 -8.67
CA LEU D 60 -2.02 48.96 -7.65
C LEU D 60 -2.90 48.55 -6.46
N PRO D 61 -3.74 49.40 -5.88
CA PRO D 61 -4.53 48.94 -4.71
C PRO D 61 -5.48 47.79 -5.03
N VAL D 62 -6.24 47.88 -6.12
CA VAL D 62 -7.20 46.81 -6.39
C VAL D 62 -6.48 45.50 -6.69
N SER D 63 -5.38 45.57 -7.43
CA SER D 63 -4.62 44.36 -7.77
C SER D 63 -4.00 43.75 -6.52
N TYR D 64 -3.40 44.57 -5.66
CA TYR D 64 -2.82 44.05 -4.42
C TYR D 64 -3.90 43.45 -3.53
N GLY D 65 -5.07 44.07 -3.47
CA GLY D 65 -6.14 43.53 -2.65
C GLY D 65 -6.64 42.19 -3.13
N VAL D 66 -6.88 42.06 -4.44
CA VAL D 66 -7.43 40.80 -4.94
C VAL D 66 -6.38 39.71 -4.80
N VAL D 67 -5.12 40.03 -5.13
CA VAL D 67 -4.04 39.06 -5.00
C VAL D 67 -3.89 38.63 -3.55
N CYS D 68 -3.97 39.57 -2.61
CA CYS D 68 -3.81 39.23 -1.20
C CYS D 68 -4.94 38.33 -0.72
N VAL D 69 -6.18 38.61 -1.15
CA VAL D 69 -7.29 37.83 -0.62
C VAL D 69 -7.25 36.39 -1.15
N LEU D 70 -7.03 36.21 -2.44
CA LEU D 70 -6.92 34.86 -2.98
C LEU D 70 -5.70 34.16 -2.41
N GLY D 71 -4.57 34.86 -2.35
CA GLY D 71 -3.33 34.28 -1.86
C GLY D 71 -3.51 33.74 -0.45
N LEU D 72 -4.09 34.56 0.43
CA LEU D 72 -4.38 34.11 1.78
C LEU D 72 -5.34 32.93 1.78
N CYS D 73 -6.38 32.98 0.94
CA CYS D 73 -7.38 31.91 0.92
C CYS D 73 -6.77 30.56 0.53
N LEU D 74 -6.21 30.47 -0.68
CA LEU D 74 -5.70 29.18 -1.12
C LEU D 74 -4.43 28.77 -0.38
N ASN D 75 -3.62 29.72 0.11
CA ASN D 75 -2.46 29.33 0.91
C ASN D 75 -2.89 28.75 2.25
N ALA D 76 -3.92 29.33 2.88
CA ALA D 76 -4.48 28.75 4.10
C ALA D 76 -5.06 27.37 3.83
N VAL D 77 -5.75 27.21 2.69
CA VAL D 77 -6.33 25.91 2.36
C VAL D 77 -5.24 24.86 2.18
N ALA D 78 -4.19 25.21 1.42
CA ALA D 78 -3.10 24.26 1.17
C ALA D 78 -2.34 23.93 2.44
N LEU D 79 -2.13 24.93 3.31
CA LEU D 79 -1.51 24.65 4.60
C LEU D 79 -2.40 23.75 5.44
N TYR D 80 -3.71 23.93 5.35
CA TYR D 80 -4.64 23.05 6.06
C TYR D 80 -4.52 21.61 5.58
N ILE D 81 -4.46 21.40 4.27
CA ILE D 81 -4.27 20.03 3.76
C ILE D 81 -2.94 19.47 4.22
N PHE D 82 -1.88 20.26 4.13
CA PHE D 82 -0.54 19.78 4.48
C PHE D 82 -0.45 19.40 5.96
N LEU D 83 -1.06 20.19 6.84
CA LEU D 83 -0.95 19.96 8.26
C LEU D 83 -2.04 19.07 8.84
N CYS D 84 -3.09 18.77 8.08
CA CYS D 84 -4.19 17.94 8.60
C CYS D 84 -4.38 16.64 7.83
N ARG D 85 -4.52 16.71 6.51
CA ARG D 85 -4.96 15.56 5.72
C ARG D 85 -3.87 15.05 4.79
N LEU D 86 -2.61 15.07 5.25
CA LEU D 86 -1.50 14.60 4.44
C LEU D 86 -0.36 14.15 5.36
N LYS D 87 0.09 12.92 5.16
CA LYS D 87 1.27 12.40 5.85
C LYS D 87 2.22 11.75 4.85
N THR D 88 2.36 12.39 3.69
CA THR D 88 3.38 12.04 2.72
C THR D 88 4.34 13.23 2.65
N TRP D 89 5.29 13.26 3.58
CA TRP D 89 6.23 14.37 3.72
C TRP D 89 7.52 13.99 3.02
N ASN D 90 7.60 14.23 1.73
CA ASN D 90 8.79 14.04 0.94
C ASN D 90 9.66 15.29 1.03
N ALA D 91 10.73 15.31 0.24
CA ALA D 91 11.44 16.56 0.05
C ALA D 91 10.58 17.57 -0.70
N SER D 92 9.83 17.09 -1.69
CA SER D 92 8.92 17.95 -2.44
C SER D 92 7.88 18.58 -1.53
N THR D 93 7.32 17.78 -0.62
CA THR D 93 6.32 18.31 0.31
C THR D 93 6.93 19.35 1.24
N THR D 94 8.16 19.13 1.69
CA THR D 94 8.84 20.11 2.54
C THR D 94 9.04 21.43 1.82
N TYR D 95 9.58 21.37 0.60
CA TYR D 95 9.80 22.58 -0.19
C TYR D 95 8.49 23.29 -0.50
N MET D 96 7.44 22.52 -0.81
CA MET D 96 6.14 23.11 -1.13
C MET D 96 5.50 23.74 0.09
N PHE D 97 5.68 23.14 1.26
CA PHE D 97 5.19 23.73 2.51
C PHE D 97 5.89 25.05 2.79
N HIS D 98 7.20 25.09 2.61
CA HIS D 98 7.93 26.34 2.84
C HIS D 98 7.53 27.41 1.82
N LEU D 99 7.30 27.00 0.56
CA LEU D 99 6.84 27.94 -0.45
C LEU D 99 5.47 28.50 -0.09
N ALA D 100 4.56 27.65 0.41
CA ALA D 100 3.25 28.12 0.83
C ALA D 100 3.35 29.07 2.01
N VAL D 101 4.27 28.80 2.94
CA VAL D 101 4.48 29.69 4.08
C VAL D 101 4.95 31.06 3.59
N SER D 102 5.90 31.07 2.65
CA SER D 102 6.38 32.34 2.09
C SER D 102 5.27 33.09 1.37
N ASP D 103 4.45 32.38 0.61
CA ASP D 103 3.35 33.02 -0.12
C ASP D 103 2.32 33.60 0.85
N ALA D 104 2.02 32.88 1.93
CA ALA D 104 1.10 33.39 2.94
C ALA D 104 1.65 34.63 3.62
N LEU D 105 2.95 34.64 3.93
CA LEU D 105 3.55 35.83 4.54
C LEU D 105 3.52 37.01 3.59
N TYR D 106 3.76 36.78 2.30
CA TYR D 106 3.66 37.83 1.29
C TYR D 106 2.25 38.41 1.23
N ALA D 107 1.24 37.52 1.19
CA ALA D 107 -0.14 37.96 1.13
C ALA D 107 -0.56 38.66 2.43
N ALA D 108 0.10 38.34 3.54
CA ALA D 108 -0.16 39.05 4.79
C ALA D 108 0.52 40.42 4.81
N SER D 109 1.64 40.57 4.11
CA SER D 109 2.28 41.88 4.02
C SER D 109 1.57 42.82 3.05
N LEU D 110 0.88 42.26 2.06
CA LEU D 110 0.19 43.10 1.06
C LEU D 110 -0.83 44.10 1.61
N PRO D 111 -1.66 43.80 2.64
CA PRO D 111 -2.68 44.78 3.07
C PRO D 111 -2.16 46.15 3.47
N LEU D 112 -1.01 46.22 4.13
CA LEU D 112 -0.46 47.54 4.47
C LEU D 112 -0.06 48.31 3.22
N LEU D 113 0.43 47.61 2.20
CA LEU D 113 0.82 48.28 0.95
C LEU D 113 -0.39 48.76 0.17
N VAL D 114 -1.47 47.97 0.12
CA VAL D 114 -2.66 48.45 -0.57
C VAL D 114 -3.27 49.63 0.19
N TYR D 115 -3.21 49.62 1.53
CA TYR D 115 -3.64 50.77 2.29
C TYR D 115 -2.81 52.01 1.96
N TYR D 116 -1.48 51.85 1.87
CA TYR D 116 -0.61 52.97 1.56
C TYR D 116 -0.88 53.53 0.16
N TYR D 117 -1.08 52.63 -0.82
CA TYR D 117 -1.32 53.10 -2.19
C TYR D 117 -2.70 53.72 -2.34
N ALA D 118 -3.70 53.22 -1.61
CA ALA D 118 -5.02 53.83 -1.64
C ALA D 118 -5.08 55.14 -0.87
N ARG D 119 -4.13 55.36 0.05
CA ARG D 119 -4.07 56.61 0.79
C ARG D 119 -3.37 57.72 0.02
N GLY D 120 -3.18 57.57 -1.29
CA GLY D 120 -2.52 58.58 -2.09
C GLY D 120 -1.07 58.81 -1.73
N ASP D 121 -0.31 57.72 -1.59
CA ASP D 121 1.11 57.77 -1.21
C ASP D 121 1.31 58.50 0.12
N HIS D 122 0.51 58.13 1.10
CA HIS D 122 0.61 58.70 2.44
C HIS D 122 0.77 57.57 3.44
N TRP D 123 1.77 57.71 4.33
CA TRP D 123 2.12 56.68 5.30
C TRP D 123 2.16 57.29 6.70
N PRO D 124 1.00 57.51 7.32
CA PRO D 124 0.96 58.16 8.63
C PRO D 124 1.10 57.22 9.82
N PHE D 125 1.52 55.97 9.63
CA PHE D 125 1.54 55.01 10.73
C PHE D 125 2.78 55.17 11.60
N SER D 126 3.96 54.94 11.04
CA SER D 126 5.21 54.99 11.79
C SER D 126 6.37 55.00 10.79
N THR D 127 7.58 55.05 11.33
CA THR D 127 8.79 55.02 10.51
C THR D 127 9.47 53.65 10.50
N VAL D 128 9.07 52.73 11.38
CA VAL D 128 9.66 51.40 11.42
C VAL D 128 8.72 50.41 10.74
N LEU D 129 7.43 50.76 10.71
CA LEU D 129 6.45 49.92 10.00
C LEU D 129 6.75 49.87 8.51
N CYS D 130 7.18 51.00 7.94
CA CYS D 130 7.54 51.03 6.52
C CYS D 130 8.71 50.10 6.24
N LYS D 131 9.73 50.14 7.10
CA LYS D 131 10.88 49.26 6.94
C LYS D 131 10.48 47.80 7.07
N LEU D 132 9.64 47.48 8.05
CA LEU D 132 9.19 46.10 8.25
C LEU D 132 8.38 45.61 7.06
N VAL D 133 7.51 46.46 6.52
CA VAL D 133 6.66 46.07 5.39
C VAL D 133 7.52 45.79 4.16
N ARG D 134 8.45 46.70 3.83
CA ARG D 134 9.30 46.48 2.67
C ARG D 134 10.19 45.25 2.86
N PHE D 135 10.73 45.07 4.07
CA PHE D 135 11.58 43.94 4.36
C PHE D 135 10.84 42.62 4.19
N LEU D 136 9.62 42.53 4.74
CA LEU D 136 8.86 41.30 4.64
C LEU D 136 8.42 41.05 3.20
N PHE D 137 8.06 42.11 2.47
CA PHE D 137 7.68 41.99 1.07
C PHE D 137 8.80 41.37 0.25
N TYR D 138 10.00 41.95 0.32
CA TYR D 138 11.10 41.44 -0.49
C TYR D 138 11.61 40.09 0.02
N THR D 139 11.58 39.87 1.33
CA THR D 139 12.01 38.60 1.88
C THR D 139 11.11 37.47 1.40
N ASN D 140 9.78 37.69 1.40
CA ASN D 140 8.87 36.66 0.94
C ASN D 140 8.99 36.44 -0.56
N LEU D 141 9.20 37.52 -1.32
CA LEU D 141 9.41 37.37 -2.77
C LEU D 141 10.61 36.47 -3.07
N TYR D 142 11.75 36.78 -2.45
CA TYR D 142 12.96 36.01 -2.76
C TYR D 142 12.94 34.63 -2.12
N CYS D 143 12.25 34.46 -0.99
CA CYS D 143 12.05 33.12 -0.45
C CYS D 143 11.22 32.25 -1.38
N SER D 144 10.17 32.82 -1.97
CA SER D 144 9.40 32.08 -2.95
C SER D 144 10.25 31.70 -4.15
N ILE D 145 11.08 32.63 -4.63
CA ILE D 145 11.96 32.34 -5.77
C ILE D 145 12.92 31.20 -5.43
N LEU D 146 13.55 31.27 -4.25
CA LEU D 146 14.54 30.25 -3.89
C LEU D 146 13.91 28.90 -3.60
N PHE D 147 12.67 28.87 -3.09
CA PHE D 147 12.03 27.59 -2.87
C PHE D 147 11.51 26.98 -4.17
N LEU D 148 11.12 27.80 -5.15
CA LEU D 148 10.86 27.26 -6.48
C LEU D 148 12.13 26.69 -7.09
N THR D 149 13.27 27.36 -6.83
CA THR D 149 14.56 26.83 -7.27
C THR D 149 14.86 25.47 -6.63
N CYS D 150 14.60 25.36 -5.32
CA CYS D 150 14.83 24.08 -4.63
C CYS D 150 13.95 22.98 -5.19
N ILE D 151 12.68 23.30 -5.47
CA ILE D 151 11.77 22.34 -6.08
C ILE D 151 12.31 21.88 -7.43
N SER D 152 12.77 22.84 -8.24
CA SER D 152 13.26 22.50 -9.57
C SER D 152 14.49 21.61 -9.51
N VAL D 153 15.43 21.91 -8.62
CA VAL D 153 16.65 21.10 -8.51
C VAL D 153 16.32 19.70 -8.00
N HIS D 154 15.42 19.61 -7.03
CA HIS D 154 15.02 18.31 -6.53
C HIS D 154 14.41 17.48 -7.66
N ARG D 155 13.44 18.06 -8.35
CA ARG D 155 12.77 17.34 -9.44
C ARG D 155 13.77 16.93 -10.51
N CYS D 156 14.73 17.79 -10.82
CA CYS D 156 15.74 17.46 -11.83
C CYS D 156 16.59 16.27 -11.41
N LEU D 157 17.00 16.24 -10.15
CA LEU D 157 17.79 15.10 -9.68
C LEU D 157 16.94 13.83 -9.63
N GLY D 158 15.65 13.98 -9.29
CA GLY D 158 14.77 12.82 -9.30
C GLY D 158 14.51 12.23 -10.67
N VAL D 159 14.46 13.08 -11.69
CA VAL D 159 14.16 12.60 -13.04
C VAL D 159 15.42 12.15 -13.77
N LEU D 160 16.47 12.97 -13.77
CA LEU D 160 17.70 12.59 -14.48
C LEU D 160 18.41 11.43 -13.79
N ARG D 161 18.27 11.32 -12.47
CA ARG D 161 18.96 10.30 -11.67
C ARG D 161 17.93 9.57 -10.82
N PRO D 162 17.10 8.71 -11.43
CA PRO D 162 16.03 8.08 -10.64
C PRO D 162 16.53 7.09 -9.63
N LEU D 163 17.57 6.32 -9.95
CA LEU D 163 18.08 5.26 -9.08
C LEU D 163 19.30 5.67 -8.28
N ARG D 164 20.22 6.44 -8.87
CA ARG D 164 21.43 6.81 -8.12
C ARG D 164 21.13 7.86 -7.06
N SER D 165 20.08 8.68 -7.24
CA SER D 165 19.73 9.65 -6.22
C SER D 165 19.09 9.01 -5.00
N LEU D 166 18.66 7.74 -5.12
CA LEU D 166 18.18 7.01 -3.95
C LEU D 166 19.31 6.57 -3.04
N ARG D 167 20.54 6.66 -3.50
CA ARG D 167 21.60 6.16 -2.69
C ARG D 167 21.80 7.09 -1.54
N TRP D 168 21.84 8.37 -1.81
CA TRP D 168 22.05 9.36 -0.75
C TRP D 168 20.69 9.83 -0.24
N GLY D 169 20.54 9.84 1.09
CA GLY D 169 19.31 10.28 1.70
C GLY D 169 19.15 11.78 1.64
N ARG D 170 18.18 12.25 0.86
CA ARG D 170 17.95 13.68 0.69
C ARG D 170 16.57 14.14 1.14
N ALA D 171 15.69 13.22 1.54
CA ALA D 171 14.37 13.64 2.02
C ALA D 171 14.46 14.35 3.36
N ARG D 172 15.35 13.89 4.25
CA ARG D 172 15.55 14.57 5.52
C ARG D 172 16.36 15.85 5.38
N TYR D 173 17.21 15.92 4.36
CA TYR D 173 18.03 17.11 4.12
C TYR D 173 17.22 18.28 3.55
N ALA D 174 15.97 18.04 3.16
CA ALA D 174 15.13 19.12 2.65
C ALA D 174 14.86 20.17 3.72
N ARG D 175 14.67 19.73 4.97
CA ARG D 175 14.47 20.69 6.06
C ARG D 175 15.71 21.54 6.29
N ARG D 176 16.89 20.93 6.22
CA ARG D 176 18.14 21.69 6.36
C ARG D 176 18.30 22.68 5.22
N VAL D 177 17.98 22.26 3.99
CA VAL D 177 18.07 23.14 2.84
C VAL D 177 17.11 24.31 2.98
N ALA D 178 15.87 24.04 3.42
CA ALA D 178 14.88 25.09 3.61
C ALA D 178 15.31 26.08 4.69
N GLY D 179 15.84 25.57 5.81
CA GLY D 179 16.34 26.47 6.85
C GLY D 179 17.49 27.33 6.38
N ALA D 180 18.42 26.74 5.63
CA ALA D 180 19.53 27.51 5.08
C ALA D 180 19.03 28.58 4.10
N VAL D 181 18.01 28.25 3.30
CA VAL D 181 17.44 29.22 2.38
C VAL D 181 16.81 30.38 3.14
N TRP D 182 16.05 30.07 4.20
CA TRP D 182 15.43 31.12 5.01
C TRP D 182 16.49 32.03 5.63
N VAL D 183 17.54 31.42 6.20
CA VAL D 183 18.60 32.20 6.83
C VAL D 183 19.31 33.07 5.81
N LEU D 184 19.60 32.52 4.64
CA LEU D 184 20.30 33.27 3.60
C LEU D 184 19.46 34.46 3.11
N VAL D 185 18.15 34.24 2.90
CA VAL D 185 17.31 35.33 2.42
C VAL D 185 17.18 36.42 3.48
N LEU D 186 17.02 36.03 4.75
CA LEU D 186 16.92 37.04 5.80
C LEU D 186 18.22 37.84 5.92
N ALA D 187 19.37 37.15 5.85
CA ALA D 187 20.65 37.85 5.93
C ALA D 187 20.87 38.76 4.74
N CYS D 188 20.44 38.34 3.55
CA CYS D 188 20.65 39.17 2.36
C CYS D 188 19.69 40.34 2.30
N GLN D 189 18.49 40.21 2.88
CA GLN D 189 17.51 41.28 2.87
C GLN D 189 17.55 42.13 4.13
N ALA D 190 18.43 41.82 5.07
CA ALA D 190 18.66 42.71 6.22
C ALA D 190 19.00 44.16 5.85
N PRO D 191 19.85 44.47 4.85
CA PRO D 191 20.12 45.88 4.55
C PRO D 191 18.91 46.66 4.04
N VAL D 192 17.81 45.99 3.67
CA VAL D 192 16.60 46.71 3.28
C VAL D 192 16.06 47.49 4.47
N LEU D 193 16.19 46.94 5.68
CA LEU D 193 15.77 47.65 6.88
C LEU D 193 16.54 48.95 7.06
N TYR D 194 17.84 48.93 6.79
CA TYR D 194 18.62 50.16 6.85
C TYR D 194 18.19 51.13 5.74
N PHE D 195 18.12 50.63 4.51
CA PHE D 195 17.95 51.52 3.36
C PHE D 195 16.58 52.17 3.33
N VAL D 196 15.52 51.40 3.59
CA VAL D 196 14.16 51.92 3.49
C VAL D 196 13.88 52.81 4.70
N THR D 197 13.39 54.02 4.45
CA THR D 197 13.09 54.98 5.49
C THR D 197 11.74 55.63 5.17
N THR D 198 11.28 56.49 6.07
CA THR D 198 10.05 57.24 5.89
C THR D 198 10.39 58.73 5.81
N SER D 199 9.99 59.36 4.70
CA SER D 199 10.30 60.75 4.45
C SER D 199 9.06 61.49 3.93
N ALA D 200 8.94 62.75 4.31
CA ALA D 200 7.82 63.59 3.93
C ALA D 200 8.26 64.59 2.87
N ARG D 201 7.53 64.66 1.76
CA ARG D 201 7.86 65.56 0.66
C ARG D 201 7.01 66.82 0.66
N GLY D 202 5.70 66.67 0.55
CA GLY D 202 4.79 67.81 0.56
C GLY D 202 3.83 67.80 1.72
N GLY D 203 2.55 67.60 1.42
CA GLY D 203 1.54 67.49 2.46
C GLY D 203 1.31 66.05 2.87
N ARG D 204 2.01 65.13 2.21
CA ARG D 204 1.91 63.71 2.51
C ARG D 204 3.32 63.15 2.73
N VAL D 205 3.40 62.10 3.54
CA VAL D 205 4.68 61.44 3.78
C VAL D 205 4.68 60.16 2.97
N THR D 206 5.86 59.63 2.63
CA THR D 206 5.90 58.46 1.77
C THR D 206 6.64 57.26 2.34
N CYS D 207 6.16 56.07 2.05
CA CYS D 207 6.83 54.85 2.49
C CYS D 207 7.86 54.51 1.44
N HIS D 208 9.08 55.03 1.57
CA HIS D 208 10.09 54.83 0.54
C HIS D 208 10.27 53.34 0.27
N ASP D 209 10.24 52.96 -1.01
CA ASP D 209 10.56 51.61 -1.42
C ASP D 209 12.03 51.42 -1.74
N THR D 210 12.67 52.43 -2.33
CA THR D 210 14.06 52.29 -2.76
C THR D 210 15.06 52.72 -1.69
N SER D 211 15.02 53.98 -1.23
CA SER D 211 15.97 54.53 -0.25
C SER D 211 15.59 55.99 -0.02
N ALA D 212 16.32 56.61 0.90
CA ALA D 212 16.30 58.05 1.04
C ALA D 212 17.21 58.69 -0.01
N PRO D 213 16.97 59.95 -0.36
CA PRO D 213 17.89 60.66 -1.26
C PRO D 213 19.26 60.84 -0.63
N GLU D 214 20.23 61.16 -1.49
CA GLU D 214 21.65 61.31 -1.14
C GLU D 214 22.27 60.01 -0.64
N LEU D 215 21.60 58.88 -0.90
CA LEU D 215 22.15 57.56 -0.60
C LEU D 215 21.84 56.57 -1.71
N PHE D 216 21.55 57.06 -2.92
CA PHE D 216 21.04 56.20 -3.98
C PHE D 216 22.13 55.35 -4.62
N SER D 217 23.38 55.82 -4.63
CA SER D 217 24.46 55.03 -5.22
C SER D 217 24.72 53.76 -4.42
N ARG D 218 24.73 53.87 -3.09
CA ARG D 218 24.94 52.70 -2.25
C ARG D 218 23.83 51.67 -2.46
N PHE D 219 22.58 52.14 -2.53
CA PHE D 219 21.49 51.19 -2.70
C PHE D 219 21.47 50.63 -4.12
N VAL D 220 21.87 51.40 -5.14
CA VAL D 220 21.86 50.82 -6.47
C VAL D 220 22.96 49.77 -6.60
N ALA D 221 24.10 49.96 -5.93
CA ALA D 221 25.11 48.90 -5.90
C ALA D 221 24.59 47.68 -5.16
N TYR D 222 23.96 47.89 -4.00
CA TYR D 222 23.41 46.80 -3.21
C TYR D 222 22.32 46.05 -3.98
N SER D 223 21.49 46.78 -4.71
CA SER D 223 20.39 46.17 -5.45
C SER D 223 20.91 45.43 -6.67
N SER D 224 21.97 45.93 -7.31
CA SER D 224 22.58 45.16 -8.40
C SER D 224 23.15 43.85 -7.89
N VAL D 225 23.84 43.90 -6.74
CA VAL D 225 24.38 42.67 -6.15
C VAL D 225 23.26 41.71 -5.77
N MET D 226 22.19 42.23 -5.17
CA MET D 226 21.07 41.41 -4.75
C MET D 226 20.34 40.81 -5.95
N LEU D 227 20.13 41.62 -6.99
CA LEU D 227 19.50 41.13 -8.22
C LEU D 227 20.30 40.00 -8.82
N GLY D 228 21.62 40.19 -8.94
CA GLY D 228 22.50 39.12 -9.36
C GLY D 228 22.31 37.85 -8.54
N LEU D 229 22.61 37.94 -7.24
CA LEU D 229 22.68 36.75 -6.39
C LEU D 229 21.33 36.02 -6.31
N LEU D 230 20.23 36.75 -6.16
CA LEU D 230 18.94 36.11 -5.91
C LEU D 230 18.03 36.04 -7.13
N PHE D 231 18.47 36.49 -8.30
CA PHE D 231 17.63 36.20 -9.45
C PHE D 231 18.41 35.63 -10.63
N ALA D 232 19.64 36.09 -10.89
CA ALA D 232 20.35 35.63 -12.07
C ALA D 232 20.73 34.15 -11.95
N VAL D 233 21.16 33.73 -10.77
CA VAL D 233 21.50 32.33 -10.51
C VAL D 233 20.23 31.48 -10.34
N PRO D 234 19.25 31.85 -9.48
CA PRO D 234 18.06 30.98 -9.35
C PRO D 234 17.26 30.80 -10.63
N PHE D 235 17.05 31.88 -11.40
CA PHE D 235 16.31 31.73 -12.65
C PHE D 235 17.08 30.86 -13.64
N ALA D 236 18.40 31.03 -13.72
CA ALA D 236 19.20 30.23 -14.63
C ALA D 236 19.17 28.75 -14.25
N VAL D 237 19.28 28.44 -12.95
CA VAL D 237 19.28 27.04 -12.57
C VAL D 237 17.89 26.43 -12.72
N ILE D 238 16.83 27.22 -12.50
CA ILE D 238 15.47 26.73 -12.76
C ILE D 238 15.31 26.40 -14.24
N LEU D 239 15.79 27.30 -15.10
CA LEU D 239 15.70 27.09 -16.55
C LEU D 239 16.47 25.84 -16.97
N VAL D 240 17.69 25.70 -16.48
CA VAL D 240 18.52 24.54 -16.85
C VAL D 240 17.88 23.25 -16.35
N CYS D 241 17.40 23.25 -15.10
CA CYS D 241 16.83 22.04 -14.52
C CYS D 241 15.59 21.58 -15.28
N TYR D 242 14.68 22.52 -15.55
CA TYR D 242 13.45 22.11 -16.23
C TYR D 242 13.69 21.80 -17.70
N VAL D 243 14.67 22.46 -18.32
CA VAL D 243 15.01 22.14 -19.71
C VAL D 243 15.58 20.73 -19.82
N LEU D 244 16.49 20.37 -18.90
CA LEU D 244 17.05 19.02 -18.91
C LEU D 244 15.99 17.98 -18.57
N MET D 245 15.07 18.30 -17.65
CA MET D 245 13.99 17.38 -17.31
C MET D 245 13.08 17.14 -18.51
N ALA D 246 12.69 18.21 -19.20
CA ALA D 246 11.84 18.07 -20.36
C ALA D 246 12.59 17.27 -21.43
N ARG D 247 13.83 17.64 -21.69
CA ARG D 247 14.60 16.97 -22.72
C ARG D 247 14.51 15.46 -22.60
N ARG D 248 14.91 14.94 -21.44
CA ARG D 248 14.91 13.50 -21.23
C ARG D 248 13.51 12.90 -21.34
N LEU D 249 12.54 13.53 -20.69
CA LEU D 249 11.17 13.04 -20.76
C LEU D 249 10.74 12.97 -22.21
N LEU D 250 11.26 13.87 -23.03
CA LEU D 250 10.93 13.87 -24.45
C LEU D 250 11.69 12.85 -25.28
N LYS D 251 12.61 12.11 -24.64
CA LYS D 251 13.37 11.11 -25.36
C LYS D 251 12.96 9.66 -25.12
N PRO D 252 11.90 9.19 -25.79
CA PRO D 252 11.44 7.80 -25.61
C PRO D 252 12.24 6.80 -26.43
N PRO D 261 3.83 7.12 -24.63
CA PRO D 261 3.95 7.61 -23.26
C PRO D 261 3.18 8.90 -23.02
N ARG D 262 1.90 8.78 -22.66
CA ARG D 262 1.09 9.96 -22.40
C ARG D 262 1.56 10.70 -21.16
N ALA D 263 1.99 9.97 -20.13
CA ALA D 263 2.50 10.61 -18.91
C ALA D 263 3.79 11.38 -19.18
N LYS D 264 4.66 10.84 -20.03
CA LYS D 264 5.95 11.45 -20.30
C LYS D 264 5.86 12.61 -21.29
N ARG D 265 4.66 12.96 -21.75
CA ARG D 265 4.44 14.24 -22.42
C ARG D 265 3.53 15.17 -21.63
N LYS D 266 2.69 14.62 -20.77
CA LYS D 266 1.88 15.47 -19.92
C LYS D 266 2.83 16.14 -18.92
N SER D 267 3.82 15.39 -18.43
CA SER D 267 4.80 15.98 -17.52
C SER D 267 5.56 17.11 -18.19
N VAL D 268 5.90 16.96 -19.48
CA VAL D 268 6.60 18.02 -20.20
C VAL D 268 5.69 19.23 -20.38
N ARG D 269 4.40 18.99 -20.60
CA ARG D 269 3.45 20.10 -20.67
C ARG D 269 3.36 20.85 -19.34
N THR D 270 3.33 20.11 -18.23
CA THR D 270 3.32 20.74 -16.91
C THR D 270 4.61 21.51 -16.66
N ILE D 271 5.75 20.96 -17.10
CA ILE D 271 7.03 21.64 -16.98
C ILE D 271 6.99 22.97 -17.73
N ALA D 272 6.48 22.94 -18.96
CA ALA D 272 6.39 24.16 -19.75
C ALA D 272 5.48 25.19 -19.10
N VAL D 273 4.36 24.72 -18.53
CA VAL D 273 3.42 25.64 -17.88
C VAL D 273 4.07 26.33 -16.69
N VAL D 274 4.70 25.55 -15.81
CA VAL D 274 5.27 26.15 -14.59
C VAL D 274 6.45 27.05 -14.93
N LEU D 275 7.28 26.65 -15.90
CA LEU D 275 8.42 27.47 -16.28
C LEU D 275 7.97 28.77 -16.92
N ALA D 276 6.96 28.71 -17.80
CA ALA D 276 6.43 29.92 -18.42
C ALA D 276 5.80 30.84 -17.38
N VAL D 277 5.10 30.27 -16.40
CA VAL D 277 4.48 31.10 -15.36
C VAL D 277 5.55 31.82 -14.55
N PHE D 278 6.61 31.09 -14.16
CA PHE D 278 7.71 31.72 -13.41
C PHE D 278 8.35 32.84 -14.23
N ALA D 279 8.65 32.56 -15.50
CA ALA D 279 9.31 33.56 -16.34
C ALA D 279 8.45 34.79 -16.52
N LEU D 280 7.18 34.60 -16.91
CA LEU D 280 6.29 35.72 -17.16
C LEU D 280 6.04 36.54 -15.89
N CYS D 281 6.00 35.89 -14.74
CA CYS D 281 5.75 36.62 -13.51
C CYS D 281 6.97 37.40 -13.04
N PHE D 282 8.18 36.84 -13.17
CA PHE D 282 9.32 37.42 -12.49
C PHE D 282 10.32 38.13 -13.40
N LEU D 283 10.56 37.65 -14.62
CA LEU D 283 11.59 38.25 -15.46
C LEU D 283 11.29 39.70 -15.87
N PRO D 284 10.10 40.05 -16.38
CA PRO D 284 9.85 41.48 -16.68
C PRO D 284 9.90 42.36 -15.46
N PHE D 285 9.46 41.86 -14.30
CA PHE D 285 9.49 42.66 -13.07
C PHE D 285 10.91 43.07 -12.73
N HIS D 286 11.84 42.09 -12.70
CA HIS D 286 13.22 42.39 -12.34
C HIS D 286 13.92 43.20 -13.41
N VAL D 287 13.65 42.91 -14.69
CA VAL D 287 14.27 43.66 -15.77
C VAL D 287 13.86 45.13 -15.71
N THR D 288 12.57 45.38 -15.54
CA THR D 288 12.09 46.76 -15.50
C THR D 288 12.52 47.46 -14.22
N ARG D 289 12.59 46.74 -13.09
CA ARG D 289 13.08 47.34 -11.86
C ARG D 289 14.54 47.76 -11.99
N THR D 290 15.36 46.90 -12.60
CA THR D 290 16.77 47.25 -12.81
C THR D 290 16.90 48.44 -13.75
N LEU D 291 16.12 48.45 -14.85
CA LEU D 291 16.18 49.58 -15.77
C LEU D 291 15.74 50.88 -15.11
N TYR D 292 14.69 50.81 -14.29
CA TYR D 292 14.18 51.99 -13.58
C TYR D 292 15.23 52.53 -12.61
N TYR D 293 15.85 51.64 -11.84
CA TYR D 293 16.87 52.08 -10.89
C TYR D 293 18.09 52.66 -11.61
N SER D 294 18.52 52.02 -12.71
CA SER D 294 19.68 52.52 -13.44
C SER D 294 19.40 53.88 -14.06
N PHE D 295 18.22 54.07 -14.67
CA PHE D 295 17.91 55.36 -15.27
C PHE D 295 17.65 56.44 -14.22
N ARG D 296 17.18 56.10 -13.06
CA ARG D 296 17.09 57.15 -12.05
C ARG D 296 18.53 57.46 -11.58
N SER D 297 19.43 56.48 -11.44
CA SER D 297 20.81 56.81 -11.09
C SER D 297 21.44 57.73 -12.13
N LEU D 298 21.17 57.49 -13.40
CA LEU D 298 21.62 58.38 -14.46
C LEU D 298 20.66 59.56 -14.60
N ASP D 299 20.92 60.41 -15.59
CA ASP D 299 20.09 61.57 -15.87
C ASP D 299 19.51 61.44 -17.28
N LEU D 300 18.20 61.54 -17.39
CA LEU D 300 17.51 61.41 -18.67
C LEU D 300 16.32 62.35 -18.68
N SER D 301 15.45 62.18 -19.68
CA SER D 301 14.27 63.03 -19.81
C SER D 301 13.20 62.64 -18.80
N CYS D 302 12.28 63.58 -18.56
CA CYS D 302 11.16 63.31 -17.67
C CYS D 302 10.21 62.28 -18.26
N HIS D 303 10.01 62.32 -19.59
CA HIS D 303 9.10 61.39 -20.24
C HIS D 303 9.61 59.96 -20.19
N THR D 304 10.93 59.76 -20.37
CA THR D 304 11.50 58.42 -20.28
C THR D 304 11.36 57.86 -18.88
N LEU D 305 11.60 58.68 -17.85
CA LEU D 305 11.43 58.24 -16.48
C LEU D 305 9.97 57.92 -16.18
N ASN D 306 9.04 58.72 -16.73
CA ASN D 306 7.62 58.43 -16.56
C ASN D 306 7.25 57.11 -17.21
N ALA D 307 7.81 56.83 -18.40
CA ALA D 307 7.50 55.57 -19.08
C ALA D 307 8.05 54.37 -18.34
N ILE D 308 9.27 54.47 -17.81
CA ILE D 308 9.82 53.33 -17.08
C ILE D 308 9.09 53.16 -15.75
N ASN D 309 8.60 54.25 -15.15
CA ASN D 309 7.76 54.13 -13.96
C ASN D 309 6.44 53.42 -14.30
N MET D 310 5.84 53.78 -15.45
CA MET D 310 4.68 53.07 -15.96
C MET D 310 4.94 51.57 -16.03
N ALA D 311 6.05 51.19 -16.67
CA ALA D 311 6.34 49.77 -16.90
C ALA D 311 6.61 49.03 -15.59
N TYR D 312 7.38 49.63 -14.68
CA TYR D 312 7.67 48.98 -13.40
C TYR D 312 6.40 48.80 -12.58
N LYS D 313 5.57 49.83 -12.52
CA LYS D 313 4.36 49.75 -11.70
C LYS D 313 3.30 48.85 -12.31
N VAL D 314 3.34 48.61 -13.64
CA VAL D 314 2.41 47.64 -14.20
C VAL D 314 2.98 46.22 -14.19
N THR D 315 4.29 46.07 -14.01
CA THR D 315 4.86 44.73 -13.84
C THR D 315 4.83 44.25 -12.39
N ARG D 316 4.65 45.16 -11.42
CA ARG D 316 4.44 44.72 -10.04
C ARG D 316 3.25 43.76 -9.84
N PRO D 317 2.06 43.99 -10.42
CA PRO D 317 0.97 43.03 -10.20
C PRO D 317 1.27 41.62 -10.69
N LEU D 318 2.12 41.46 -11.71
CA LEU D 318 2.51 40.10 -12.11
C LEU D 318 3.35 39.44 -11.03
N ALA D 319 4.24 40.21 -10.38
CA ALA D 319 5.03 39.67 -9.28
C ALA D 319 4.14 39.25 -8.12
N SER D 320 3.07 40.00 -7.86
CA SER D 320 2.12 39.55 -6.85
C SER D 320 1.31 38.34 -7.32
N ALA D 321 0.96 38.29 -8.60
CA ALA D 321 0.18 37.19 -9.13
C ALA D 321 0.95 35.88 -9.09
N ASN D 322 2.29 35.94 -9.11
CA ASN D 322 3.05 34.70 -8.96
C ASN D 322 2.74 34.02 -7.64
N SER D 323 2.73 34.78 -6.54
CA SER D 323 2.32 34.23 -5.26
C SER D 323 0.84 33.89 -5.26
N CYS D 324 0.05 34.59 -6.06
CA CYS D 324 -1.38 34.28 -6.15
C CYS D 324 -1.62 32.87 -6.69
N LEU D 325 -1.03 32.58 -7.85
CA LEU D 325 -1.27 31.29 -8.50
C LEU D 325 -0.35 30.14 -8.09
N ASN D 326 0.76 30.43 -7.40
CA ASN D 326 1.68 29.33 -7.09
C ASN D 326 0.93 28.14 -6.49
N PRO D 327 0.00 28.31 -5.53
CA PRO D 327 -0.65 27.12 -4.94
C PRO D 327 -1.42 26.27 -5.93
N VAL D 328 -2.16 26.89 -6.86
CA VAL D 328 -2.96 26.10 -7.79
C VAL D 328 -2.06 25.27 -8.69
N LEU D 329 -0.94 25.86 -9.15
CA LEU D 329 -0.04 25.15 -10.06
C LEU D 329 0.72 24.04 -9.34
N TYR D 330 1.16 24.29 -8.11
CA TYR D 330 2.02 23.32 -7.46
C TYR D 330 1.29 22.32 -6.57
N PHE D 331 0.01 22.52 -6.29
CA PHE D 331 -0.72 21.49 -5.56
C PHE D 331 -1.97 21.01 -6.29
N LEU D 332 -2.69 21.89 -6.97
CA LEU D 332 -3.96 21.51 -7.57
C LEU D 332 -3.87 21.52 -9.10
N GLN E 1 -21.20 -24.97 4.22
CA GLN E 1 -20.39 -25.89 3.45
C GLN E 1 -20.50 -25.59 1.95
N VAL E 2 -19.39 -25.17 1.35
CA VAL E 2 -19.37 -24.84 -0.07
C VAL E 2 -19.39 -26.16 -0.86
N GLN E 3 -20.52 -26.44 -1.51
CA GLN E 3 -20.68 -27.68 -2.27
C GLN E 3 -21.08 -27.34 -3.70
N LEU E 4 -20.39 -27.94 -4.66
CA LEU E 4 -20.73 -27.81 -6.08
C LEU E 4 -20.90 -29.20 -6.67
N GLN E 5 -22.06 -29.44 -7.27
CA GLN E 5 -22.38 -30.75 -7.85
C GLN E 5 -22.71 -30.57 -9.32
N GLU E 6 -22.05 -31.35 -10.17
CA GLU E 6 -22.21 -31.28 -11.61
C GLU E 6 -23.04 -32.46 -12.10
N SER E 7 -23.33 -32.46 -13.41
CA SER E 7 -24.06 -33.54 -14.05
C SER E 7 -23.74 -33.51 -15.54
N GLY E 8 -24.50 -34.28 -16.31
CA GLY E 8 -24.35 -34.28 -17.76
C GLY E 8 -23.06 -34.87 -18.30
N GLY E 9 -22.58 -35.97 -17.70
CA GLY E 9 -21.39 -36.62 -18.20
C GLY E 9 -21.66 -38.00 -18.76
N GLY E 10 -21.53 -38.16 -20.08
CA GLY E 10 -21.85 -39.43 -20.72
C GLY E 10 -21.00 -39.58 -21.98
N LEU E 11 -20.95 -40.82 -22.47
CA LEU E 11 -20.15 -41.11 -23.67
C LEU E 11 -20.82 -40.53 -24.90
N VAL E 12 -20.05 -39.76 -25.67
CA VAL E 12 -20.54 -39.09 -26.87
C VAL E 12 -19.61 -39.40 -28.02
N GLN E 13 -20.18 -39.65 -29.20
CA GLN E 13 -19.43 -39.88 -30.43
C GLN E 13 -18.63 -38.63 -30.80
N PRO E 14 -17.70 -38.72 -31.78
CA PRO E 14 -17.00 -37.50 -32.24
C PRO E 14 -17.93 -36.40 -32.73
N GLY E 15 -19.11 -36.77 -33.18
CA GLY E 15 -20.16 -35.82 -33.49
C GLY E 15 -21.00 -35.49 -32.27
N GLY E 16 -22.25 -35.12 -32.52
CA GLY E 16 -23.20 -34.92 -31.43
C GLY E 16 -22.90 -33.70 -30.58
N SER E 17 -23.57 -33.67 -29.42
CA SER E 17 -23.47 -32.55 -28.50
C SER E 17 -23.79 -33.03 -27.09
N LEU E 18 -23.42 -32.21 -26.11
CA LEU E 18 -23.66 -32.50 -24.71
C LEU E 18 -23.70 -31.20 -23.92
N ARG E 19 -24.24 -31.28 -22.71
CA ARG E 19 -24.34 -30.12 -21.83
C ARG E 19 -23.97 -30.49 -20.42
N LEU E 20 -23.25 -29.60 -19.74
CA LEU E 20 -22.85 -29.77 -18.35
C LEU E 20 -23.50 -28.68 -17.52
N SER E 21 -23.93 -29.04 -16.31
CA SER E 21 -24.56 -28.09 -15.40
C SER E 21 -24.09 -28.37 -13.98
N CYS E 22 -23.54 -27.37 -13.32
CA CYS E 22 -23.10 -27.47 -11.93
C CYS E 22 -24.09 -26.74 -11.04
N ALA E 23 -24.58 -27.42 -10.01
CA ALA E 23 -25.60 -26.89 -9.12
C ALA E 23 -24.93 -26.39 -7.84
N ALA E 24 -24.71 -25.07 -7.77
CA ALA E 24 -24.02 -24.49 -6.63
C ALA E 24 -24.92 -24.45 -5.40
N SER E 25 -24.29 -24.52 -4.23
CA SER E 25 -25.01 -24.47 -2.97
C SER E 25 -24.07 -23.97 -1.88
N GLY E 26 -24.66 -23.43 -0.82
CA GLY E 26 -23.91 -23.00 0.34
C GLY E 26 -23.25 -21.65 0.23
N PHE E 27 -23.47 -20.91 -0.84
CA PHE E 27 -22.89 -19.58 -0.98
C PHE E 27 -23.76 -18.75 -1.93
N THR E 28 -23.55 -17.43 -1.87
CA THR E 28 -24.27 -16.51 -2.74
C THR E 28 -23.67 -16.60 -4.15
N PHE E 29 -24.51 -16.98 -5.12
CA PHE E 29 -24.01 -17.33 -6.44
C PHE E 29 -23.50 -16.10 -7.20
N SER E 30 -24.14 -14.95 -7.01
CA SER E 30 -23.95 -13.80 -7.88
C SER E 30 -22.80 -12.89 -7.49
N ASN E 31 -22.07 -13.20 -6.41
CA ASN E 31 -20.95 -12.37 -5.98
C ASN E 31 -19.60 -12.88 -6.46
N TYR E 32 -19.55 -14.04 -7.12
CA TYR E 32 -18.31 -14.71 -7.45
C TYR E 32 -18.17 -14.89 -8.95
N LYS E 33 -16.93 -14.87 -9.42
CA LYS E 33 -16.58 -15.25 -10.78
C LYS E 33 -16.30 -16.74 -10.81
N MET E 34 -16.75 -17.42 -11.86
CA MET E 34 -16.63 -18.86 -11.95
C MET E 34 -15.98 -19.24 -13.27
N ASN E 35 -15.51 -20.49 -13.34
CA ASN E 35 -14.74 -20.97 -14.48
C ASN E 35 -15.01 -22.45 -14.67
N TRP E 36 -14.41 -23.01 -15.71
CA TRP E 36 -14.48 -24.44 -16.01
C TRP E 36 -13.07 -25.00 -16.05
N VAL E 37 -12.87 -26.14 -15.39
CA VAL E 37 -11.56 -26.73 -15.21
C VAL E 37 -11.55 -28.12 -15.86
N ARG E 38 -10.55 -28.37 -16.69
CA ARG E 38 -10.46 -29.60 -17.46
C ARG E 38 -9.30 -30.46 -16.97
N GLN E 39 -9.50 -31.77 -17.10
CA GLN E 39 -8.45 -32.76 -16.87
C GLN E 39 -8.30 -33.58 -18.15
N ALA E 40 -7.46 -34.59 -18.12
CA ALA E 40 -7.29 -35.53 -19.22
C ALA E 40 -6.49 -36.72 -18.71
N PRO E 41 -6.59 -37.87 -19.38
CA PRO E 41 -5.73 -39.00 -19.03
C PRO E 41 -4.25 -38.67 -19.10
N GLY E 42 -3.58 -38.68 -17.94
CA GLY E 42 -2.14 -38.53 -17.88
C GLY E 42 -1.59 -37.13 -18.10
N LYS E 43 -2.42 -36.09 -17.91
CA LYS E 43 -1.95 -34.72 -17.92
C LYS E 43 -2.52 -33.97 -16.72
N GLY E 44 -2.17 -32.68 -16.65
CA GLY E 44 -2.52 -31.85 -15.51
C GLY E 44 -3.89 -31.24 -15.61
N LEU E 45 -4.10 -30.20 -14.81
CA LEU E 45 -5.40 -29.56 -14.65
C LEU E 45 -5.46 -28.34 -15.57
N GLU E 46 -6.45 -28.33 -16.47
CA GLU E 46 -6.54 -27.30 -17.50
C GLU E 46 -7.59 -26.26 -17.12
N TRP E 47 -7.86 -25.34 -18.04
CA TRP E 47 -8.78 -24.23 -17.81
C TRP E 47 -9.50 -23.96 -19.12
N VAL E 48 -10.83 -24.04 -19.12
CA VAL E 48 -11.62 -23.96 -20.34
C VAL E 48 -12.33 -22.61 -20.46
N SER E 49 -13.22 -22.30 -19.53
CA SER E 49 -14.10 -21.15 -19.67
C SER E 49 -13.95 -20.22 -18.47
N ASP E 50 -14.76 -19.16 -18.48
CA ASP E 50 -14.72 -18.10 -17.49
C ASP E 50 -15.94 -17.21 -17.69
N ILE E 51 -16.54 -16.76 -16.59
CA ILE E 51 -17.62 -15.78 -16.66
C ILE E 51 -17.60 -14.95 -15.39
N SER E 52 -18.00 -13.69 -15.52
CA SER E 52 -17.97 -12.79 -14.38
C SER E 52 -19.24 -12.98 -13.53
N GLN E 53 -19.31 -12.24 -12.44
CA GLN E 53 -20.48 -12.29 -11.57
C GLN E 53 -21.72 -11.76 -12.28
N SER E 54 -21.59 -10.68 -13.03
CA SER E 54 -22.72 -10.15 -13.80
C SER E 54 -23.00 -11.01 -15.02
N GLY E 55 -21.96 -11.55 -15.64
CA GLY E 55 -22.11 -12.30 -16.86
C GLY E 55 -21.81 -11.53 -18.14
N ALA E 56 -21.10 -10.40 -18.05
CA ALA E 56 -20.84 -9.55 -19.20
C ALA E 56 -19.41 -9.67 -19.70
N SER E 57 -18.64 -10.62 -19.19
CA SER E 57 -17.27 -10.84 -19.63
C SER E 57 -17.01 -12.33 -19.70
N ILE E 58 -16.68 -12.82 -20.90
CA ILE E 58 -16.49 -14.24 -21.15
C ILE E 58 -15.14 -14.42 -21.82
N SER E 59 -14.34 -15.35 -21.30
CA SER E 59 -13.04 -15.67 -21.87
C SER E 59 -12.95 -17.16 -22.14
N TYR E 60 -12.22 -17.52 -23.19
CA TYR E 60 -12.08 -18.90 -23.63
C TYR E 60 -10.62 -19.27 -23.79
N THR E 61 -10.35 -20.56 -23.64
CA THR E 61 -9.09 -21.13 -24.11
C THR E 61 -9.04 -21.03 -25.63
N GLY E 62 -7.82 -20.93 -26.17
CA GLY E 62 -7.63 -20.74 -27.60
C GLY E 62 -8.13 -21.89 -28.46
N SER E 63 -8.41 -23.05 -27.87
CA SER E 63 -8.88 -24.21 -28.61
C SER E 63 -10.35 -24.52 -28.39
N VAL E 64 -11.08 -23.65 -27.67
CA VAL E 64 -12.48 -23.89 -27.36
C VAL E 64 -13.40 -22.77 -27.81
N LYS E 65 -12.85 -21.70 -28.40
CA LYS E 65 -13.68 -20.57 -28.81
C LYS E 65 -14.56 -20.94 -29.99
N GLY E 66 -15.83 -20.53 -29.93
CA GLY E 66 -16.79 -20.84 -30.97
C GLY E 66 -17.41 -22.23 -30.87
N ARG E 67 -17.04 -23.02 -29.88
CA ARG E 67 -17.55 -24.38 -29.73
C ARG E 67 -18.12 -24.69 -28.36
N PHE E 68 -17.74 -23.96 -27.32
CA PHE E 68 -18.08 -24.30 -25.93
C PHE E 68 -18.75 -23.12 -25.25
N THR E 69 -19.78 -22.57 -25.89
CA THR E 69 -20.52 -21.44 -25.34
C THR E 69 -21.08 -21.77 -23.96
N ILE E 70 -21.02 -20.78 -23.08
CA ILE E 70 -21.32 -20.98 -21.66
C ILE E 70 -22.58 -20.19 -21.30
N SER E 71 -23.06 -20.42 -20.08
CA SER E 71 -24.18 -19.67 -19.54
C SER E 71 -24.16 -19.80 -18.02
N ARG E 72 -24.86 -18.89 -17.36
CA ARG E 72 -25.04 -18.97 -15.91
C ARG E 72 -26.44 -18.49 -15.58
N ASP E 73 -26.95 -18.93 -14.43
CA ASP E 73 -28.27 -18.55 -13.95
C ASP E 73 -28.16 -18.21 -12.47
N ASN E 74 -28.10 -16.91 -12.17
CA ASN E 74 -27.98 -16.47 -10.78
C ASN E 74 -29.23 -16.80 -9.99
N ALA E 75 -30.40 -16.85 -10.64
CA ALA E 75 -31.62 -17.21 -9.94
C ALA E 75 -31.64 -18.69 -9.57
N LYS E 76 -31.20 -19.56 -10.49
CA LYS E 76 -31.23 -20.99 -10.28
C LYS E 76 -29.93 -21.55 -9.72
N ASN E 77 -28.91 -20.70 -9.52
CA ASN E 77 -27.61 -21.10 -8.96
C ASN E 77 -26.97 -22.21 -9.79
N THR E 78 -26.90 -21.99 -11.11
CA THR E 78 -26.34 -22.96 -12.03
C THR E 78 -25.40 -22.26 -13.01
N LEU E 79 -24.43 -23.02 -13.52
CA LEU E 79 -23.51 -22.54 -14.54
C LEU E 79 -23.28 -23.65 -15.54
N TYR E 80 -23.34 -23.33 -16.83
CA TYR E 80 -23.37 -24.32 -17.89
C TYR E 80 -22.14 -24.21 -18.79
N LEU E 81 -21.90 -25.28 -19.54
CA LEU E 81 -20.91 -25.30 -20.63
C LEU E 81 -21.51 -26.13 -21.76
N GLN E 82 -22.17 -25.45 -22.70
CA GLN E 82 -22.84 -26.13 -23.79
C GLN E 82 -21.79 -26.60 -24.79
N MET E 83 -21.66 -27.92 -24.91
CA MET E 83 -20.70 -28.54 -25.81
C MET E 83 -21.42 -28.94 -27.09
N ASN E 84 -21.02 -28.36 -28.22
CA ASN E 84 -21.66 -28.66 -29.50
C ASN E 84 -20.72 -29.23 -30.54
N SER E 85 -19.51 -28.70 -30.66
CA SER E 85 -18.53 -29.18 -31.64
C SER E 85 -17.50 -30.04 -30.89
N LEU E 86 -17.83 -31.31 -30.72
CA LEU E 86 -16.97 -32.24 -30.01
C LEU E 86 -15.90 -32.82 -30.94
N LYS E 87 -14.79 -33.21 -30.33
CA LYS E 87 -13.73 -33.94 -31.01
C LYS E 87 -13.29 -35.08 -30.10
N PRO E 88 -12.67 -36.13 -30.67
CA PRO E 88 -12.14 -37.20 -29.81
C PRO E 88 -11.07 -36.73 -28.82
N GLU E 89 -10.38 -35.63 -29.11
CA GLU E 89 -9.41 -35.07 -28.17
C GLU E 89 -10.11 -34.16 -27.17
N ASP E 90 -11.18 -34.66 -26.54
CA ASP E 90 -11.91 -33.92 -25.52
C ASP E 90 -12.30 -34.79 -24.33
N THR E 91 -11.85 -36.05 -24.28
CA THR E 91 -12.12 -36.90 -23.13
C THR E 91 -11.50 -36.29 -21.89
N ALA E 92 -12.31 -36.04 -20.88
CA ALA E 92 -11.89 -35.21 -19.77
C ALA E 92 -12.78 -35.45 -18.57
N VAL E 93 -12.38 -34.87 -17.44
CA VAL E 93 -13.23 -34.72 -16.27
C VAL E 93 -13.41 -33.22 -16.04
N TYR E 94 -14.66 -32.78 -15.98
CA TYR E 94 -14.97 -31.36 -15.92
C TYR E 94 -15.44 -30.98 -14.52
N TYR E 95 -14.73 -30.04 -13.90
CA TYR E 95 -15.07 -29.53 -12.59
C TYR E 95 -15.53 -28.08 -12.72
N CYS E 96 -16.61 -27.75 -12.04
CA CYS E 96 -17.14 -26.39 -11.98
C CYS E 96 -16.42 -25.66 -10.85
N ALA E 97 -15.61 -24.67 -11.22
CA ALA E 97 -14.74 -23.98 -10.26
C ALA E 97 -15.26 -22.60 -9.94
N ARG E 98 -14.60 -21.94 -8.98
CA ARG E 98 -15.07 -20.69 -8.42
C ARG E 98 -13.88 -19.86 -7.95
N CYS E 99 -13.99 -18.54 -8.11
CA CYS E 99 -12.97 -17.63 -7.57
C CYS E 99 -12.92 -17.72 -6.05
N PRO E 100 -11.74 -17.64 -5.45
CA PRO E 100 -11.66 -17.74 -3.97
C PRO E 100 -12.42 -16.65 -3.22
N ALA E 101 -12.50 -15.45 -3.77
CA ALA E 101 -13.07 -14.32 -3.04
C ALA E 101 -14.15 -13.64 -3.87
N PRO E 102 -15.16 -13.07 -3.23
CA PRO E 102 -16.19 -12.34 -3.98
C PRO E 102 -15.70 -10.96 -4.41
N PHE E 103 -16.40 -10.38 -5.38
CA PHE E 103 -15.98 -9.08 -5.88
C PHE E 103 -14.54 -9.19 -6.32
N THR E 104 -14.04 -10.42 -6.36
CA THR E 104 -12.66 -10.64 -6.75
C THR E 104 -12.58 -11.64 -7.89
N PRO E 105 -12.08 -11.20 -9.05
CA PRO E 105 -11.94 -12.09 -10.20
C PRO E 105 -10.57 -12.72 -10.23
N PHE E 106 -9.92 -12.80 -9.07
CA PHE E 106 -8.59 -13.37 -8.99
C PHE E 106 -8.57 -14.79 -9.54
N CYS E 107 -9.41 -15.66 -8.98
CA CYS E 107 -9.38 -17.06 -9.41
C CYS E 107 -7.91 -17.42 -9.50
N PHE E 108 -7.11 -16.90 -8.59
CA PHE E 108 -5.66 -17.12 -8.61
C PHE E 108 -5.40 -18.62 -8.55
N ASP E 109 -6.10 -19.34 -7.67
CA ASP E 109 -5.76 -20.73 -7.38
C ASP E 109 -6.82 -21.70 -7.88
N VAL E 110 -7.46 -21.39 -9.00
CA VAL E 110 -8.59 -22.17 -9.47
C VAL E 110 -8.14 -23.54 -9.98
N THR E 111 -7.07 -23.58 -10.77
CA THR E 111 -6.63 -24.82 -11.39
C THR E 111 -5.56 -25.54 -10.57
N SER E 112 -5.52 -25.31 -9.26
CA SER E 112 -4.49 -25.93 -8.44
C SER E 112 -4.74 -27.42 -8.29
N THR E 113 -3.70 -28.13 -7.82
CA THR E 113 -3.81 -29.57 -7.61
C THR E 113 -4.88 -29.89 -6.58
N THR E 114 -4.91 -29.16 -5.47
CA THR E 114 -5.98 -29.23 -4.49
C THR E 114 -6.66 -27.88 -4.42
N TYR E 115 -7.99 -27.87 -4.58
CA TYR E 115 -8.76 -26.64 -4.53
C TYR E 115 -10.04 -26.92 -3.75
N ALA E 116 -10.33 -26.07 -2.77
CA ALA E 116 -11.43 -26.35 -1.85
C ALA E 116 -12.79 -26.13 -2.50
N TYR E 117 -12.92 -25.07 -3.31
CA TYR E 117 -14.21 -24.67 -3.86
C TYR E 117 -14.45 -25.25 -5.25
N ARG E 118 -13.94 -26.44 -5.51
CA ARG E 118 -14.11 -27.13 -6.78
C ARG E 118 -15.02 -28.33 -6.60
N GLY E 119 -15.76 -28.66 -7.66
CA GLY E 119 -16.66 -29.79 -7.61
C GLY E 119 -15.95 -31.12 -7.77
N GLN E 120 -16.72 -32.20 -7.59
CA GLN E 120 -16.17 -33.55 -7.72
C GLN E 120 -15.90 -33.90 -9.17
N GLY E 121 -16.75 -33.46 -10.09
CA GLY E 121 -16.48 -33.63 -11.51
C GLY E 121 -17.27 -34.77 -12.12
N THR E 122 -17.55 -34.63 -13.41
CA THR E 122 -18.20 -35.66 -14.21
C THR E 122 -17.31 -36.05 -15.37
N GLN E 123 -17.13 -37.36 -15.57
CA GLN E 123 -16.28 -37.86 -16.64
C GLN E 123 -17.00 -37.76 -17.97
N VAL E 124 -16.46 -36.97 -18.89
CA VAL E 124 -17.00 -36.82 -20.23
C VAL E 124 -16.11 -37.63 -21.16
N THR E 125 -16.57 -38.82 -21.54
CA THR E 125 -15.80 -39.73 -22.37
C THR E 125 -16.28 -39.65 -23.81
N VAL E 126 -15.39 -40.00 -24.74
CA VAL E 126 -15.72 -40.01 -26.15
C VAL E 126 -15.29 -41.32 -26.79
#